data_4XX4
#
_entry.id   4XX4
#
_cell.length_a   142.410
_cell.length_b   142.410
_cell.length_c   142.410
_cell.angle_alpha   90.000
_cell.angle_beta   90.000
_cell.angle_gamma   90.000
#
_symmetry.space_group_name_H-M   'P 21 3'
#
loop_
_entity.id
_entity.type
_entity.pdbx_description
1 polymer Renin
2 non-polymer 2-acetamido-2-deoxy-beta-D-glucopyranose
3 non-polymer (2Z,6S)-2-imino-6-methyl-3-{3-[(4R)-2-oxo-4-phenylpyrrolidin-1-yl]benzyl}-6-(propan-2-yl)tetrahydropyrimidin-4(1H)-one
4 water water
#
_entity_poly.entity_id   1
_entity_poly.type   'polypeptide(L)'
_entity_poly.pdbx_seq_one_letter_code
;LTLGNTTSSVILTNYMDTQYYGEIGIGTPPQTFKVVFDTGSSNVWVPSSKCSRLYTACVYHKLFDASDSSSYKHNGTELT
LRYSTGTVSGFLSQDIITVGGITVTQMFGEVTEMPALPFMLAEFDGVVGMGFIEQAIGRVTPIFDNIISQGVLKEDVFSF
YYNRDSENSQSLGGQIVLGGSDPQHYEGNFHYINLIKTGVWQIQMKGVSVGSSTLLCEDGCLALVDTGASYISGSTSSIE
KLMEALGAKKRLFDYVVKCNEGPTLPDISFHLGGKEYTLTSADYVFQESYSSKKLCTLAIHAMDIPPPTGPTWALGATFI
RKFYTEFDRRNNRIGFALAR
;
_entity_poly.pdbx_strand_id   A,B
#
# COMPACT_ATOMS: atom_id res chain seq x y z
N THR A 2 -31.11 -15.16 -14.19
CA THR A 2 -30.61 -16.53 -14.16
C THR A 2 -29.15 -16.53 -13.68
N LEU A 3 -28.80 -17.45 -12.77
CA LEU A 3 -27.45 -17.56 -12.24
C LEU A 3 -26.81 -18.92 -12.57
N GLY A 4 -25.53 -18.87 -12.96
CA GLY A 4 -24.73 -20.03 -13.30
C GLY A 4 -23.74 -20.32 -12.20
N ASN A 5 -22.53 -20.74 -12.58
CA ASN A 5 -21.44 -21.04 -11.63
C ASN A 5 -20.07 -20.58 -12.17
N THR A 6 -20.07 -19.59 -13.07
CA THR A 6 -18.86 -19.04 -13.68
C THR A 6 -18.42 -17.74 -13.00
N THR A 7 -17.11 -17.65 -12.76
CA THR A 7 -16.40 -16.49 -12.27
C THR A 7 -15.37 -16.25 -13.37
N SER A 8 -15.28 -15.02 -13.88
CA SER A 8 -14.30 -14.72 -14.93
C SER A 8 -13.42 -13.57 -14.48
N SER A 9 -12.10 -13.75 -14.53
CA SER A 9 -11.16 -12.73 -14.12
C SER A 9 -10.43 -12.08 -15.32
N VAL A 10 -10.24 -10.75 -15.28
CA VAL A 10 -9.52 -9.98 -16.29
C VAL A 10 -8.32 -9.33 -15.57
N ILE A 11 -7.09 -9.61 -16.03
CA ILE A 11 -5.85 -9.05 -15.48
C ILE A 11 -5.70 -7.61 -16.01
N LEU A 12 -5.39 -6.68 -15.11
CA LEU A 12 -5.23 -5.27 -15.50
C LEU A 12 -3.79 -4.84 -15.39
N THR A 13 -3.39 -3.89 -16.22
CA THR A 13 -2.08 -3.26 -16.24
C THR A 13 -2.25 -1.93 -15.52
N ASN A 14 -1.34 -1.62 -14.64
CA ASN A 14 -1.31 -0.38 -13.93
C ASN A 14 -0.31 0.57 -14.63
N TYR A 15 -0.83 1.63 -15.24
CA TYR A 15 -0.02 2.67 -15.85
C TYR A 15 0.08 3.87 -14.89
N MET A 16 1.27 4.05 -14.26
CA MET A 16 1.61 5.19 -13.38
C MET A 16 0.61 5.48 -12.24
N ASP A 17 -0.15 4.48 -11.75
CA ASP A 17 -1.19 4.68 -10.71
C ASP A 17 -2.36 5.55 -11.18
N THR A 18 -2.47 5.85 -12.49
CA THR A 18 -3.54 6.71 -12.98
C THR A 18 -4.44 6.06 -14.03
N GLN A 19 -3.96 5.00 -14.70
CA GLN A 19 -4.75 4.32 -15.73
C GLN A 19 -4.63 2.82 -15.52
N TYR A 20 -5.77 2.15 -15.35
CA TYR A 20 -5.85 0.70 -15.14
C TYR A 20 -6.68 0.14 -16.28
N TYR A 21 -6.07 -0.74 -17.07
CA TYR A 21 -6.71 -1.28 -18.27
C TYR A 21 -6.42 -2.74 -18.46
N GLY A 22 -7.34 -3.41 -19.13
CA GLY A 22 -7.23 -4.82 -19.48
C GLY A 22 -7.57 -4.97 -20.95
N GLU A 23 -7.49 -6.19 -21.44
CA GLU A 23 -7.73 -6.53 -22.84
C GLU A 23 -9.12 -7.09 -23.09
N ILE A 24 -9.66 -6.72 -24.25
CA ILE A 24 -10.90 -7.23 -24.82
C ILE A 24 -10.58 -7.51 -26.31
N GLY A 25 -11.29 -8.45 -26.91
CA GLY A 25 -11.17 -8.81 -28.31
C GLY A 25 -12.49 -8.52 -29.00
N ILE A 26 -12.45 -7.76 -30.12
CA ILE A 26 -13.67 -7.42 -30.90
C ILE A 26 -13.57 -7.98 -32.32
N GLY A 27 -14.60 -8.69 -32.76
CA GLY A 27 -14.68 -9.23 -34.10
C GLY A 27 -14.20 -10.66 -34.30
N THR A 28 -14.30 -11.12 -35.58
CA THR A 28 -13.87 -12.43 -36.08
C THR A 28 -12.98 -12.22 -37.32
N PRO A 29 -11.65 -12.45 -37.25
CA PRO A 29 -10.86 -12.85 -36.05
C PRO A 29 -10.83 -11.68 -35.03
N PRO A 30 -10.54 -11.90 -33.73
CA PRO A 30 -10.58 -10.78 -32.80
C PRO A 30 -9.48 -9.73 -33.02
N GLN A 31 -9.87 -8.45 -32.90
CA GLN A 31 -8.98 -7.29 -32.93
C GLN A 31 -8.92 -6.89 -31.46
N THR A 32 -7.71 -6.75 -30.88
CA THR A 32 -7.57 -6.50 -29.44
C THR A 32 -7.44 -5.04 -29.10
N PHE A 33 -8.03 -4.65 -27.96
CA PHE A 33 -8.00 -3.28 -27.43
C PHE A 33 -7.69 -3.30 -25.97
N LYS A 34 -7.00 -2.24 -25.52
CA LYS A 34 -6.66 -1.94 -24.12
C LYS A 34 -7.82 -1.05 -23.67
N VAL A 35 -8.58 -1.51 -22.70
CA VAL A 35 -9.75 -0.74 -22.22
C VAL A 35 -9.75 -0.53 -20.71
N VAL A 36 -10.29 0.63 -20.27
CA VAL A 36 -10.53 0.95 -18.85
C VAL A 36 -11.94 0.41 -18.55
N PHE A 37 -12.09 -0.34 -17.46
CA PHE A 37 -13.39 -0.87 -17.03
C PHE A 37 -13.89 0.18 -16.04
N ASP A 38 -14.88 0.95 -16.49
CA ASP A 38 -15.31 2.17 -15.84
C ASP A 38 -16.74 2.18 -15.26
N THR A 39 -16.86 2.24 -13.92
CA THR A 39 -18.18 2.30 -13.25
C THR A 39 -18.84 3.68 -13.36
N GLY A 40 -18.06 4.70 -13.72
CA GLY A 40 -18.57 6.05 -13.91
C GLY A 40 -19.14 6.35 -15.30
N SER A 41 -19.31 5.33 -16.16
CA SER A 41 -19.88 5.45 -17.51
C SER A 41 -20.53 4.11 -17.91
N SER A 42 -21.39 4.09 -18.95
CA SER A 42 -22.14 2.89 -19.32
C SER A 42 -22.00 2.43 -20.78
N ASN A 43 -21.18 3.10 -21.57
CA ASN A 43 -21.02 2.76 -22.98
C ASN A 43 -19.67 2.11 -23.24
N VAL A 44 -19.63 1.24 -24.24
CA VAL A 44 -18.41 0.61 -24.71
C VAL A 44 -18.04 1.40 -25.97
N TRP A 45 -16.78 1.78 -26.09
CA TRP A 45 -16.27 2.45 -27.27
C TRP A 45 -14.80 2.14 -27.46
N VAL A 46 -14.36 2.14 -28.72
CA VAL A 46 -12.96 1.94 -29.14
C VAL A 46 -12.72 2.91 -30.31
N PRO A 47 -11.44 3.30 -30.61
CA PRO A 47 -11.22 4.15 -31.79
C PRO A 47 -11.54 3.37 -33.08
N SER A 48 -12.00 4.08 -34.11
CA SER A 48 -12.45 3.50 -35.37
C SER A 48 -11.40 3.64 -36.49
N SER A 49 -11.44 2.73 -37.49
CA SER A 49 -10.56 2.85 -38.66
C SER A 49 -11.07 4.02 -39.52
N LYS A 50 -12.33 4.42 -39.31
CA LYS A 50 -12.97 5.54 -40.01
C LYS A 50 -12.63 6.89 -39.35
N CYS A 51 -11.79 6.88 -38.30
CA CYS A 51 -11.32 8.10 -37.64
C CYS A 51 -10.30 8.82 -38.52
N SER A 52 -10.49 10.13 -38.78
CA SER A 52 -9.54 10.91 -39.57
C SER A 52 -8.19 10.94 -38.92
N ARG A 53 -7.14 10.64 -39.71
CA ARG A 53 -5.74 10.61 -39.27
C ARG A 53 -5.22 12.02 -38.95
N LEU A 54 -6.08 13.04 -39.10
CA LEU A 54 -5.89 14.41 -38.66
C LEU A 54 -6.12 14.45 -37.12
N TYR A 55 -6.82 13.43 -36.52
CA TYR A 55 -6.90 13.26 -35.06
C TYR A 55 -5.70 12.37 -34.73
N THR A 56 -4.63 12.98 -34.18
CA THR A 56 -3.37 12.28 -33.86
C THR A 56 -3.53 11.18 -32.82
N ALA A 57 -4.52 11.30 -31.90
CA ALA A 57 -4.82 10.25 -30.93
C ALA A 57 -5.21 8.97 -31.69
N CYS A 58 -5.85 9.09 -32.87
CA CYS A 58 -6.20 7.92 -33.68
C CYS A 58 -4.99 7.25 -34.31
N VAL A 59 -3.99 8.04 -34.74
CA VAL A 59 -2.70 7.57 -35.30
C VAL A 59 -1.94 6.75 -34.23
N TYR A 60 -2.07 7.13 -32.93
CA TYR A 60 -1.34 6.53 -31.80
C TYR A 60 -2.12 5.50 -31.00
N HIS A 61 -3.23 5.05 -31.58
CA HIS A 61 -4.04 4.04 -30.94
C HIS A 61 -4.49 2.94 -31.92
N LYS A 62 -4.90 1.81 -31.36
CA LYS A 62 -5.44 0.68 -32.09
C LYS A 62 -6.84 1.09 -32.61
N LEU A 63 -7.13 0.79 -33.87
CA LEU A 63 -8.40 1.17 -34.51
C LEU A 63 -9.19 -0.04 -34.95
N PHE A 64 -10.50 -0.03 -34.68
CA PHE A 64 -11.39 -1.12 -35.09
C PHE A 64 -11.68 -1.00 -36.57
N ASP A 65 -11.45 -2.08 -37.30
CA ASP A 65 -11.73 -2.12 -38.74
C ASP A 65 -12.81 -3.16 -38.96
N ALA A 66 -14.06 -2.68 -39.20
CA ALA A 66 -15.25 -3.53 -39.40
C ALA A 66 -15.11 -4.42 -40.66
N SER A 67 -14.35 -3.92 -41.66
CA SER A 67 -14.05 -4.57 -42.96
C SER A 67 -13.22 -5.86 -42.80
N ASP A 68 -12.63 -6.08 -41.61
CA ASP A 68 -11.82 -7.26 -41.31
C ASP A 68 -12.56 -8.23 -40.41
N SER A 69 -13.82 -7.93 -40.06
CA SER A 69 -14.64 -8.75 -39.17
C SER A 69 -15.86 -9.36 -39.88
N SER A 70 -15.97 -10.70 -39.83
CA SER A 70 -17.07 -11.45 -40.45
C SER A 70 -18.33 -11.45 -39.61
N SER A 71 -18.20 -11.16 -38.30
CA SER A 71 -19.31 -11.17 -37.32
C SER A 71 -19.94 -9.79 -37.09
N TYR A 72 -19.38 -8.75 -37.74
CA TYR A 72 -19.86 -7.38 -37.61
C TYR A 72 -21.28 -7.21 -38.19
N LYS A 73 -22.09 -6.40 -37.48
CA LYS A 73 -23.46 -6.04 -37.90
C LYS A 73 -23.56 -4.52 -37.85
N HIS A 74 -23.82 -3.91 -38.99
CA HIS A 74 -23.91 -2.47 -39.15
C HIS A 74 -25.07 -1.82 -38.37
N ASN A 75 -24.84 -0.61 -37.82
CA ASN A 75 -25.89 0.18 -37.20
C ASN A 75 -25.82 1.62 -37.72
N GLY A 76 -24.75 2.32 -37.41
CA GLY A 76 -24.50 3.67 -37.93
C GLY A 76 -25.10 4.86 -37.20
N THR A 77 -25.92 4.61 -36.16
CA THR A 77 -26.53 5.70 -35.38
C THR A 77 -25.40 6.51 -34.72
N GLU A 78 -25.47 7.86 -34.84
CA GLU A 78 -24.51 8.78 -34.27
C GLU A 78 -24.51 8.67 -32.74
N LEU A 79 -23.34 8.89 -32.14
CA LEU A 79 -23.12 8.80 -30.71
C LEU A 79 -22.11 9.84 -30.29
N THR A 80 -22.45 10.63 -29.26
CA THR A 80 -21.57 11.62 -28.67
C THR A 80 -21.48 11.29 -27.18
N LEU A 81 -20.25 11.15 -26.65
CA LEU A 81 -20.00 10.84 -25.24
C LEU A 81 -19.25 12.01 -24.60
N ARG A 82 -19.99 12.80 -23.82
CA ARG A 82 -19.45 13.98 -23.13
C ARG A 82 -19.06 13.61 -21.74
N TYR A 83 -17.76 13.53 -21.48
CA TYR A 83 -17.24 13.23 -20.15
C TYR A 83 -16.65 14.50 -19.55
N SER A 84 -16.30 14.42 -18.24
CA SER A 84 -15.69 15.47 -17.47
C SER A 84 -14.25 15.82 -17.94
N THR A 85 -13.57 14.85 -18.56
CA THR A 85 -12.19 15.04 -18.99
C THR A 85 -12.06 15.41 -20.48
N GLY A 86 -13.13 15.22 -21.21
CA GLY A 86 -13.18 15.47 -22.64
C GLY A 86 -14.33 14.73 -23.31
N THR A 87 -14.49 14.91 -24.62
CA THR A 87 -15.57 14.34 -25.42
C THR A 87 -15.02 13.44 -26.54
N VAL A 88 -15.76 12.40 -26.88
CA VAL A 88 -15.51 11.51 -28.01
C VAL A 88 -16.82 11.36 -28.75
N SER A 89 -16.77 11.20 -30.05
CA SER A 89 -17.97 10.94 -30.81
C SER A 89 -17.69 10.03 -31.99
N GLY A 90 -18.76 9.43 -32.48
CA GLY A 90 -18.73 8.54 -33.62
C GLY A 90 -20.09 7.97 -33.86
N PHE A 91 -20.14 6.67 -34.11
CA PHE A 91 -21.36 5.95 -34.45
C PHE A 91 -21.40 4.55 -33.82
N LEU A 92 -22.59 3.94 -33.74
CA LEU A 92 -22.80 2.61 -33.17
C LEU A 92 -22.56 1.46 -34.16
N SER A 93 -21.96 0.37 -33.64
CA SER A 93 -21.67 -0.87 -34.38
C SER A 93 -21.93 -2.05 -33.49
N GLN A 94 -22.20 -3.22 -34.07
CA GLN A 94 -22.39 -4.44 -33.28
C GLN A 94 -21.37 -5.49 -33.73
N ASP A 95 -20.82 -6.20 -32.77
CA ASP A 95 -19.89 -7.29 -33.01
C ASP A 95 -19.77 -8.13 -31.74
N ILE A 96 -19.03 -9.24 -31.83
CA ILE A 96 -18.76 -10.13 -30.72
C ILE A 96 -17.58 -9.60 -29.94
N ILE A 97 -17.73 -9.49 -28.60
CA ILE A 97 -16.69 -9.04 -27.71
C ILE A 97 -16.29 -10.16 -26.74
N THR A 98 -15.00 -10.44 -26.62
CA THR A 98 -14.50 -11.41 -25.64
C THR A 98 -13.83 -10.63 -24.51
N VAL A 99 -14.28 -10.86 -23.29
CA VAL A 99 -13.78 -10.25 -22.07
C VAL A 99 -13.63 -11.37 -21.04
N GLY A 100 -12.39 -11.63 -20.65
CA GLY A 100 -12.01 -12.68 -19.71
C GLY A 100 -12.52 -14.08 -20.05
N GLY A 101 -12.59 -14.43 -21.31
CA GLY A 101 -13.10 -15.76 -21.63
C GLY A 101 -14.60 -15.80 -21.89
N ILE A 102 -15.36 -14.78 -21.41
CA ILE A 102 -16.79 -14.65 -21.72
C ILE A 102 -16.90 -13.94 -23.09
N THR A 103 -17.77 -14.46 -23.98
CA THR A 103 -18.04 -13.94 -25.32
C THR A 103 -19.43 -13.37 -25.27
N VAL A 104 -19.61 -12.14 -25.75
CA VAL A 104 -20.92 -11.48 -25.73
C VAL A 104 -21.15 -10.65 -27.01
N THR A 105 -22.37 -10.71 -27.58
CA THR A 105 -22.75 -9.91 -28.74
C THR A 105 -23.05 -8.53 -28.18
N GLN A 106 -22.26 -7.52 -28.56
CA GLN A 106 -22.36 -6.18 -27.97
C GLN A 106 -22.48 -5.04 -28.96
N MET A 107 -23.30 -4.03 -28.60
CA MET A 107 -23.44 -2.78 -29.35
C MET A 107 -22.42 -1.82 -28.71
N PHE A 108 -21.56 -1.25 -29.55
CA PHE A 108 -20.48 -0.39 -29.08
C PHE A 108 -20.30 0.79 -30.00
N GLY A 109 -19.60 1.80 -29.51
CA GLY A 109 -19.31 2.99 -30.32
C GLY A 109 -17.96 2.89 -31.00
N GLU A 110 -17.94 3.15 -32.31
CA GLU A 110 -16.72 3.27 -33.14
C GLU A 110 -16.42 4.80 -33.15
N VAL A 111 -15.36 5.24 -32.43
CA VAL A 111 -15.02 6.67 -32.26
C VAL A 111 -14.25 7.23 -33.48
N THR A 112 -14.84 8.27 -34.11
CA THR A 112 -14.26 8.92 -35.29
C THR A 112 -13.72 10.31 -34.95
N GLU A 113 -13.98 10.79 -33.72
CA GLU A 113 -13.51 12.09 -33.27
C GLU A 113 -12.99 11.91 -31.85
N MET A 114 -11.64 11.91 -31.71
CA MET A 114 -10.88 11.64 -30.48
C MET A 114 -9.82 12.76 -30.24
N PRO A 115 -10.15 13.82 -29.45
CA PRO A 115 -9.21 14.94 -29.24
C PRO A 115 -7.86 14.57 -28.63
N ALA A 116 -6.78 15.16 -29.18
CA ALA A 116 -5.39 14.98 -28.76
C ALA A 116 -5.22 15.29 -27.26
N LEU A 117 -5.96 16.30 -26.77
CA LEU A 117 -6.04 16.62 -25.35
C LEU A 117 -7.43 16.17 -24.93
N PRO A 118 -7.58 15.09 -24.13
CA PRO A 118 -6.53 14.36 -23.39
C PRO A 118 -6.02 13.03 -23.96
N PHE A 119 -6.67 12.48 -25.02
CA PHE A 119 -6.46 11.13 -25.52
C PHE A 119 -5.04 10.80 -26.02
N MET A 120 -4.14 11.79 -26.22
CA MET A 120 -2.74 11.52 -26.56
C MET A 120 -1.98 11.08 -25.27
N LEU A 121 -2.57 11.33 -24.08
CA LEU A 121 -2.03 10.94 -22.77
C LEU A 121 -2.58 9.58 -22.31
N ALA A 122 -3.52 9.03 -23.07
CA ALA A 122 -4.13 7.73 -22.76
C ALA A 122 -3.26 6.55 -23.26
N GLU A 123 -2.97 5.61 -22.36
CA GLU A 123 -2.23 4.39 -22.66
C GLU A 123 -3.22 3.36 -23.25
N PHE A 124 -4.47 3.41 -22.80
CA PHE A 124 -5.56 2.57 -23.23
C PHE A 124 -6.08 3.10 -24.57
N ASP A 125 -6.86 2.27 -25.27
CA ASP A 125 -7.50 2.61 -26.55
C ASP A 125 -8.94 3.08 -26.33
N GLY A 126 -9.70 2.34 -25.53
CA GLY A 126 -11.10 2.63 -25.30
C GLY A 126 -11.62 2.40 -23.92
N VAL A 127 -12.95 2.37 -23.79
CA VAL A 127 -13.62 2.28 -22.50
C VAL A 127 -14.73 1.23 -22.51
N VAL A 128 -14.83 0.45 -21.43
CA VAL A 128 -15.88 -0.54 -21.18
C VAL A 128 -16.67 0.02 -19.99
N GLY A 129 -17.78 0.69 -20.30
CA GLY A 129 -18.64 1.26 -19.28
C GLY A 129 -19.31 0.18 -18.44
N MET A 130 -19.04 0.20 -17.11
CA MET A 130 -19.55 -0.76 -16.13
C MET A 130 -20.77 -0.21 -15.36
N GLY A 131 -21.24 0.98 -15.76
CA GLY A 131 -22.41 1.63 -15.19
C GLY A 131 -23.73 1.03 -15.66
N PHE A 132 -24.85 1.61 -15.19
CA PHE A 132 -26.20 1.12 -15.50
C PHE A 132 -26.77 1.66 -16.81
N ILE A 133 -27.77 0.97 -17.37
CA ILE A 133 -28.50 1.34 -18.60
C ILE A 133 -29.11 2.75 -18.49
N GLU A 134 -29.53 3.18 -17.26
CA GLU A 134 -30.10 4.50 -16.99
C GLU A 134 -29.17 5.63 -17.46
N GLN A 135 -27.83 5.42 -17.42
CA GLN A 135 -26.85 6.44 -17.83
C GLN A 135 -26.21 6.17 -19.20
N ALA A 136 -26.66 5.10 -19.91
CA ALA A 136 -26.17 4.73 -21.23
C ALA A 136 -26.69 5.70 -22.30
N ILE A 137 -25.74 6.33 -23.03
CA ILE A 137 -26.04 7.28 -24.13
C ILE A 137 -26.58 6.45 -25.31
N GLY A 138 -27.69 6.92 -25.90
CA GLY A 138 -28.37 6.24 -27.00
C GLY A 138 -29.15 5.03 -26.54
N ARG A 139 -29.32 4.89 -25.19
CA ARG A 139 -30.03 3.81 -24.49
C ARG A 139 -29.54 2.42 -24.98
N VAL A 140 -28.20 2.29 -25.15
CA VAL A 140 -27.54 1.06 -25.57
C VAL A 140 -27.37 0.15 -24.35
N THR A 141 -27.72 -1.13 -24.48
CA THR A 141 -27.57 -2.07 -23.36
C THR A 141 -26.08 -2.23 -22.92
N PRO A 142 -25.74 -1.92 -21.65
CA PRO A 142 -24.36 -2.10 -21.19
C PRO A 142 -23.91 -3.56 -21.23
N ILE A 143 -22.60 -3.79 -21.43
CA ILE A 143 -21.98 -5.12 -21.52
C ILE A 143 -22.32 -6.04 -20.33
N PHE A 144 -22.36 -5.50 -19.08
CA PHE A 144 -22.63 -6.36 -17.91
C PHE A 144 -24.05 -6.91 -17.94
N ASP A 145 -25.03 -6.09 -18.38
CA ASP A 145 -26.42 -6.51 -18.56
C ASP A 145 -26.50 -7.64 -19.59
N ASN A 146 -25.74 -7.55 -20.69
CA ASN A 146 -25.74 -8.62 -21.70
C ASN A 146 -25.10 -9.91 -21.19
N ILE A 147 -24.08 -9.80 -20.31
CA ILE A 147 -23.40 -10.95 -19.69
C ILE A 147 -24.37 -11.61 -18.68
N ILE A 148 -25.08 -10.79 -17.88
CA ILE A 148 -26.09 -11.26 -16.94
C ILE A 148 -27.18 -12.08 -17.69
N SER A 149 -27.65 -11.59 -18.85
CA SER A 149 -28.65 -12.26 -19.68
C SER A 149 -28.27 -13.68 -20.10
N GLN A 150 -26.96 -13.99 -20.15
CA GLN A 150 -26.47 -15.33 -20.52
C GLN A 150 -26.72 -16.35 -19.40
N GLY A 151 -26.93 -15.88 -18.16
CA GLY A 151 -27.14 -16.71 -16.99
C GLY A 151 -26.02 -17.69 -16.70
N VAL A 152 -24.76 -17.22 -16.85
CA VAL A 152 -23.56 -18.04 -16.63
C VAL A 152 -22.81 -17.63 -15.34
N LEU A 153 -23.01 -16.39 -14.85
CA LEU A 153 -22.33 -15.87 -13.66
C LEU A 153 -22.86 -16.41 -12.33
N LYS A 154 -21.96 -16.74 -11.36
CA LYS A 154 -22.35 -17.24 -10.03
C LYS A 154 -23.21 -16.22 -9.31
N GLU A 155 -22.82 -14.94 -9.35
CA GLU A 155 -23.54 -13.82 -8.73
C GLU A 155 -23.57 -12.61 -9.68
N ASP A 156 -24.62 -11.80 -9.57
CA ASP A 156 -24.85 -10.61 -10.38
C ASP A 156 -24.04 -9.44 -9.72
N VAL A 157 -22.70 -9.66 -9.61
CA VAL A 157 -21.71 -8.77 -9.02
C VAL A 157 -20.43 -8.75 -9.88
N PHE A 158 -19.60 -7.73 -9.66
CA PHE A 158 -18.26 -7.61 -10.25
C PHE A 158 -17.38 -6.83 -9.25
N SER A 159 -16.09 -7.14 -9.22
CA SER A 159 -15.15 -6.62 -8.24
C SER A 159 -13.88 -6.08 -8.87
N PHE A 160 -13.24 -5.13 -8.17
CA PHE A 160 -12.04 -4.45 -8.57
C PHE A 160 -10.96 -4.52 -7.54
N TYR A 161 -9.76 -4.85 -8.04
CA TYR A 161 -8.53 -4.81 -7.26
C TYR A 161 -7.58 -3.93 -8.08
N TYR A 162 -7.05 -2.86 -7.46
CA TYR A 162 -6.06 -1.96 -8.08
C TYR A 162 -4.81 -2.00 -7.21
N ASN A 163 -3.66 -2.41 -7.77
CA ASN A 163 -2.40 -2.47 -7.02
C ASN A 163 -1.68 -1.11 -7.05
N ARG A 164 -0.65 -0.97 -6.20
CA ARG A 164 0.28 0.16 -6.15
C ARG A 164 1.30 -0.07 -7.25
N ASP A 165 1.75 1.01 -7.92
CA ASP A 165 2.68 0.92 -9.07
C ASP A 165 4.05 0.43 -8.71
N SER A 166 4.30 -0.83 -9.08
CA SER A 166 5.58 -1.48 -8.88
C SER A 166 6.39 -1.47 -10.19
N GLU A 167 7.73 -1.43 -10.07
CA GLU A 167 8.63 -1.50 -11.22
C GLU A 167 8.90 -2.97 -11.60
N ASN A 168 8.50 -3.91 -10.71
CA ASN A 168 8.63 -5.35 -10.94
C ASN A 168 7.56 -5.77 -11.92
N SER A 169 7.99 -6.53 -12.93
CA SER A 169 7.14 -7.06 -13.99
C SER A 169 6.21 -8.16 -13.45
N GLN A 170 6.66 -8.90 -12.41
CA GLN A 170 5.90 -9.98 -11.75
C GLN A 170 4.69 -9.46 -10.94
N SER A 171 4.60 -8.12 -10.78
CA SER A 171 3.52 -7.48 -10.03
C SER A 171 2.28 -7.31 -10.90
N LEU A 172 1.17 -7.89 -10.43
CA LEU A 172 -0.15 -7.78 -11.04
C LEU A 172 -0.61 -6.30 -10.89
N GLY A 173 -0.91 -5.62 -12.00
CA GLY A 173 -1.37 -4.23 -11.98
C GLY A 173 -2.74 -4.06 -11.33
N GLY A 174 -3.57 -5.07 -11.49
CA GLY A 174 -4.91 -5.10 -10.94
C GLY A 174 -5.69 -6.27 -11.50
N GLN A 175 -6.95 -6.40 -11.07
CA GLN A 175 -7.81 -7.49 -11.47
C GLN A 175 -9.28 -7.16 -11.26
N ILE A 176 -10.09 -7.42 -12.30
CA ILE A 176 -11.53 -7.32 -12.24
C ILE A 176 -12.13 -8.75 -12.27
N VAL A 177 -12.97 -9.08 -11.28
CA VAL A 177 -13.64 -10.39 -11.21
C VAL A 177 -15.11 -10.15 -11.58
N LEU A 178 -15.59 -10.83 -12.64
CA LEU A 178 -17.00 -10.78 -13.06
C LEU A 178 -17.67 -12.02 -12.47
N GLY A 179 -18.74 -11.81 -11.71
CA GLY A 179 -19.47 -12.91 -11.09
C GLY A 179 -19.14 -13.20 -9.63
N GLY A 180 -18.23 -12.42 -9.04
CA GLY A 180 -17.80 -12.63 -7.67
C GLY A 180 -16.68 -11.71 -7.23
N SER A 181 -15.95 -12.09 -6.18
CA SER A 181 -14.80 -11.39 -5.59
C SER A 181 -13.65 -12.37 -5.40
N ASP A 182 -12.40 -11.86 -5.37
CA ASP A 182 -11.21 -12.70 -5.17
C ASP A 182 -10.67 -12.53 -3.73
N PRO A 183 -10.88 -13.57 -2.86
CA PRO A 183 -10.40 -13.47 -1.46
C PRO A 183 -8.89 -13.32 -1.27
N GLN A 184 -8.10 -13.62 -2.33
CA GLN A 184 -6.66 -13.45 -2.31
C GLN A 184 -6.28 -11.96 -2.39
N HIS A 185 -7.24 -11.06 -2.75
CA HIS A 185 -6.92 -9.62 -2.88
C HIS A 185 -7.64 -8.70 -1.88
N TYR A 186 -8.23 -9.26 -0.80
CA TYR A 186 -8.79 -8.51 0.33
C TYR A 186 -8.66 -9.34 1.60
N GLU A 187 -8.82 -8.70 2.75
CA GLU A 187 -8.81 -9.35 4.05
C GLU A 187 -9.92 -8.74 4.91
N GLY A 188 -10.25 -9.38 6.04
CA GLY A 188 -11.38 -8.97 6.87
C GLY A 188 -12.67 -9.28 6.11
N ASN A 189 -13.73 -8.57 6.45
CA ASN A 189 -15.01 -8.77 5.75
C ASN A 189 -15.42 -7.52 5.00
N PHE A 190 -16.36 -7.69 4.05
CA PHE A 190 -16.92 -6.57 3.34
C PHE A 190 -17.95 -5.90 4.23
N HIS A 191 -18.05 -4.60 4.09
CA HIS A 191 -19.00 -3.70 4.71
C HIS A 191 -19.68 -3.04 3.52
N TYR A 192 -21.03 -3.17 3.42
CA TYR A 192 -21.83 -2.65 2.32
C TYR A 192 -22.55 -1.36 2.66
N ILE A 193 -22.72 -0.52 1.64
CA ILE A 193 -23.42 0.75 1.67
C ILE A 193 -24.38 0.63 0.48
N ASN A 194 -25.67 0.87 0.70
CA ASN A 194 -26.66 0.79 -0.37
C ASN A 194 -26.57 2.01 -1.26
N LEU A 195 -26.96 1.85 -2.53
CA LEU A 195 -26.97 2.97 -3.47
C LEU A 195 -28.10 3.91 -3.11
N ILE A 196 -27.93 5.22 -3.33
CA ILE A 196 -28.97 6.25 -3.14
C ILE A 196 -30.18 5.78 -3.97
N LYS A 197 -29.92 5.38 -5.22
CA LYS A 197 -30.89 4.90 -6.21
C LYS A 197 -30.17 4.06 -7.25
N THR A 198 -30.89 3.09 -7.84
CA THR A 198 -30.40 2.26 -8.95
C THR A 198 -30.10 3.20 -10.16
N GLY A 199 -29.19 2.77 -11.02
CA GLY A 199 -28.83 3.58 -12.18
C GLY A 199 -27.53 4.35 -12.06
N VAL A 200 -26.98 4.51 -10.82
CA VAL A 200 -25.73 5.23 -10.54
C VAL A 200 -24.96 4.51 -9.42
N TRP A 201 -23.64 4.28 -9.60
CA TRP A 201 -22.77 3.69 -8.55
C TRP A 201 -22.39 4.80 -7.59
N GLN A 202 -23.40 5.34 -6.91
CA GLN A 202 -23.27 6.48 -6.01
C GLN A 202 -23.94 6.17 -4.69
N ILE A 203 -23.24 6.50 -3.61
CA ILE A 203 -23.67 6.25 -2.24
C ILE A 203 -23.67 7.53 -1.42
N GLN A 204 -24.37 7.49 -0.26
CA GLN A 204 -24.39 8.59 0.68
C GLN A 204 -23.06 8.57 1.45
N MET A 205 -22.50 9.77 1.67
CA MET A 205 -21.29 9.96 2.46
C MET A 205 -21.71 10.84 3.66
N LYS A 206 -21.41 10.35 4.88
CA LYS A 206 -21.80 11.01 6.13
C LYS A 206 -20.88 12.16 6.56
N GLY A 207 -19.64 12.19 6.07
CA GLY A 207 -18.67 13.22 6.41
C GLY A 207 -17.24 12.92 5.99
N VAL A 208 -16.41 13.98 5.84
CA VAL A 208 -15.00 13.88 5.46
C VAL A 208 -14.15 14.57 6.55
N SER A 209 -13.18 13.83 7.13
CA SER A 209 -12.28 14.34 8.18
C SER A 209 -10.83 14.51 7.70
N VAL A 210 -10.22 15.65 8.04
CA VAL A 210 -8.81 15.94 7.73
C VAL A 210 -8.13 16.13 9.06
N GLY A 211 -7.35 15.12 9.47
CA GLY A 211 -6.65 15.09 10.75
C GLY A 211 -7.64 15.15 11.91
N SER A 212 -7.46 16.17 12.75
CA SER A 212 -8.28 16.37 13.95
C SER A 212 -9.23 17.56 13.85
N SER A 213 -8.65 18.78 13.69
CA SER A 213 -9.35 20.08 13.69
C SER A 213 -10.06 20.49 12.38
N THR A 214 -9.97 19.69 11.27
CA THR A 214 -10.67 20.04 10.02
C THR A 214 -11.84 19.05 9.72
N LEU A 215 -12.96 19.60 9.20
CA LEU A 215 -14.15 18.83 8.83
C LEU A 215 -14.86 19.41 7.62
N LEU A 216 -15.31 18.50 6.74
CA LEU A 216 -16.03 18.77 5.49
C LEU A 216 -17.15 17.75 5.39
N CYS A 217 -18.14 17.98 4.48
CA CYS A 217 -19.30 17.06 4.31
C CYS A 217 -20.02 16.90 5.68
N GLU A 218 -19.98 17.96 6.50
CA GLU A 218 -20.53 18.03 7.86
C GLU A 218 -22.01 17.70 7.90
N ASP A 219 -22.78 18.09 6.85
CA ASP A 219 -24.22 17.82 6.76
C ASP A 219 -24.58 16.70 5.76
N GLY A 220 -23.58 15.91 5.34
CA GLY A 220 -23.78 14.81 4.39
C GLY A 220 -23.59 15.20 2.94
N CYS A 221 -23.13 14.24 2.14
CA CYS A 221 -22.86 14.47 0.73
C CYS A 221 -22.94 13.18 -0.07
N LEU A 222 -22.57 13.24 -1.36
CA LEU A 222 -22.60 12.07 -2.22
C LEU A 222 -21.20 11.64 -2.58
N ALA A 223 -21.07 10.34 -2.85
CA ALA A 223 -19.79 9.77 -3.26
C ALA A 223 -20.05 8.80 -4.42
N LEU A 224 -19.53 9.14 -5.60
CA LEU A 224 -19.58 8.28 -6.76
C LEU A 224 -18.38 7.32 -6.68
N VAL A 225 -18.60 6.01 -6.81
CA VAL A 225 -17.49 5.04 -6.73
C VAL A 225 -17.10 4.75 -8.18
N ASP A 226 -16.01 5.39 -8.61
CA ASP A 226 -15.58 5.50 -10.01
C ASP A 226 -14.25 4.83 -10.33
N THR A 227 -14.30 3.67 -10.99
CA THR A 227 -13.13 2.87 -11.36
C THR A 227 -12.32 3.52 -12.51
N GLY A 228 -12.97 4.40 -13.28
CA GLY A 228 -12.36 5.12 -14.40
C GLY A 228 -11.66 6.39 -13.98
N ALA A 229 -11.96 6.92 -12.79
CA ALA A 229 -11.33 8.13 -12.29
C ALA A 229 -10.00 7.75 -11.60
N SER A 230 -8.94 8.50 -11.88
CA SER A 230 -7.61 8.29 -11.33
C SER A 230 -7.53 8.67 -9.87
N TYR A 231 -8.18 9.78 -9.51
CA TYR A 231 -8.03 10.38 -8.21
C TYR A 231 -9.33 10.42 -7.44
N ILE A 232 -9.23 10.88 -6.21
CA ILE A 232 -10.37 11.18 -5.38
C ILE A 232 -10.70 12.63 -5.79
N SER A 233 -11.97 12.92 -6.03
CA SER A 233 -12.38 14.27 -6.35
C SER A 233 -13.53 14.77 -5.48
N GLY A 234 -13.51 16.07 -5.26
CA GLY A 234 -14.55 16.82 -4.57
C GLY A 234 -14.81 18.08 -5.35
N SER A 235 -15.83 18.85 -4.94
CA SER A 235 -16.18 20.14 -5.56
C SER A 235 -15.05 21.13 -5.29
N THR A 236 -14.95 22.17 -6.12
CA THR A 236 -13.92 23.22 -5.99
C THR A 236 -13.88 23.80 -4.57
N SER A 237 -15.05 24.10 -3.99
CA SER A 237 -15.15 24.64 -2.63
C SER A 237 -14.60 23.68 -1.57
N SER A 238 -15.08 22.41 -1.59
CA SER A 238 -14.63 21.34 -0.69
C SER A 238 -13.12 21.14 -0.78
N ILE A 239 -12.61 21.06 -2.01
CA ILE A 239 -11.19 20.84 -2.27
C ILE A 239 -10.37 22.08 -1.87
N GLU A 240 -10.92 23.29 -1.98
CA GLU A 240 -10.23 24.50 -1.51
C GLU A 240 -10.00 24.45 0.02
N LYS A 241 -11.02 24.06 0.79
CA LYS A 241 -10.90 23.94 2.26
C LYS A 241 -9.94 22.81 2.63
N LEU A 242 -10.11 21.63 1.99
CA LEU A 242 -9.25 20.46 2.20
C LEU A 242 -7.78 20.79 1.92
N MET A 243 -7.51 21.48 0.80
CA MET A 243 -6.13 21.82 0.42
C MET A 243 -5.50 22.88 1.31
N GLU A 244 -6.30 23.82 1.82
CA GLU A 244 -5.86 24.86 2.76
C GLU A 244 -5.35 24.15 4.03
N ALA A 245 -6.12 23.16 4.53
CA ALA A 245 -5.81 22.33 5.68
C ALA A 245 -4.52 21.50 5.53
N LEU A 246 -4.19 21.07 4.30
CA LEU A 246 -2.97 20.30 4.04
C LEU A 246 -1.76 21.21 3.75
N GLY A 247 -1.99 22.49 3.46
CA GLY A 247 -0.94 23.44 3.14
C GLY A 247 -0.46 23.30 1.72
N ALA A 248 -1.33 22.75 0.85
CA ALA A 248 -1.07 22.50 -0.57
C ALA A 248 -1.38 23.72 -1.40
N LYS A 249 -0.56 23.93 -2.46
CA LYS A 249 -0.68 25.04 -3.40
C LYS A 249 -1.24 24.55 -4.72
N LYS A 250 -2.21 25.29 -5.25
CA LYS A 250 -2.95 25.03 -6.48
C LYS A 250 -2.16 25.36 -7.72
N ARG A 251 -2.22 24.46 -8.70
CA ARG A 251 -1.65 24.67 -10.02
C ARG A 251 -2.82 24.56 -11.02
N LEU A 252 -2.51 24.51 -12.32
CA LEU A 252 -3.48 24.44 -13.41
C LEU A 252 -4.46 23.26 -13.30
N PHE A 253 -3.92 22.02 -13.20
CA PHE A 253 -4.74 20.80 -13.15
C PHE A 253 -4.64 20.02 -11.84
N ASP A 254 -3.84 20.47 -10.89
CA ASP A 254 -3.61 19.71 -9.64
C ASP A 254 -3.16 20.57 -8.45
N TYR A 255 -2.89 19.90 -7.31
CA TYR A 255 -2.35 20.52 -6.10
C TYR A 255 -1.03 19.85 -5.77
N VAL A 256 -0.11 20.62 -5.20
CA VAL A 256 1.21 20.11 -4.83
C VAL A 256 1.59 20.53 -3.42
N VAL A 257 2.56 19.81 -2.84
CA VAL A 257 3.20 20.10 -1.56
C VAL A 257 4.69 19.97 -1.80
N LYS A 258 5.51 20.59 -0.94
CA LYS A 258 6.96 20.42 -1.00
C LYS A 258 7.17 18.94 -0.65
N CYS A 259 7.95 18.20 -1.47
CA CYS A 259 8.13 16.74 -1.29
C CYS A 259 8.49 16.32 0.15
N ASN A 260 9.36 17.10 0.84
CA ASN A 260 9.78 16.81 2.22
C ASN A 260 8.62 16.92 3.20
N GLU A 261 7.62 17.76 2.88
CA GLU A 261 6.45 17.95 3.73
C GLU A 261 5.43 16.80 3.60
N GLY A 262 5.51 16.08 2.47
CA GLY A 262 4.66 14.94 2.13
C GLY A 262 4.37 13.94 3.24
N PRO A 263 5.40 13.34 3.89
CA PRO A 263 5.10 12.37 4.96
C PRO A 263 4.53 12.93 6.28
N THR A 264 4.49 14.26 6.42
CA THR A 264 3.98 14.95 7.62
C THR A 264 2.46 15.22 7.55
N LEU A 265 1.87 15.15 6.33
CA LEU A 265 0.47 15.44 6.04
C LEU A 265 -0.52 14.58 6.84
N PRO A 266 -1.68 15.14 7.29
CA PRO A 266 -2.60 14.34 8.12
C PRO A 266 -3.35 13.26 7.34
N ASP A 267 -4.06 12.40 8.07
CA ASP A 267 -4.90 11.34 7.50
C ASP A 267 -6.16 11.99 7.01
N ILE A 268 -6.77 11.41 5.98
CA ILE A 268 -8.06 11.84 5.43
C ILE A 268 -8.97 10.62 5.57
N SER A 269 -10.15 10.81 6.19
CA SER A 269 -11.13 9.77 6.45
C SER A 269 -12.45 10.10 5.79
N PHE A 270 -13.07 9.10 5.16
CA PHE A 270 -14.36 9.21 4.48
C PHE A 270 -15.35 8.31 5.22
N HIS A 271 -16.39 8.91 5.80
CA HIS A 271 -17.41 8.19 6.55
C HIS A 271 -18.47 7.65 5.60
N LEU A 272 -18.47 6.32 5.42
CA LEU A 272 -19.37 5.61 4.50
C LEU A 272 -20.02 4.45 5.24
N GLY A 273 -21.36 4.43 5.25
CA GLY A 273 -22.16 3.44 5.96
C GLY A 273 -21.82 3.54 7.43
N GLY A 274 -21.56 2.41 8.05
CA GLY A 274 -21.16 2.43 9.45
C GLY A 274 -19.70 2.78 9.70
N LYS A 275 -18.79 2.48 8.72
CA LYS A 275 -17.33 2.60 8.87
C LYS A 275 -16.67 3.89 8.38
N GLU A 276 -15.46 4.13 8.91
CA GLU A 276 -14.56 5.21 8.53
C GLU A 276 -13.46 4.62 7.63
N TYR A 277 -13.29 5.19 6.43
CA TYR A 277 -12.32 4.76 5.42
C TYR A 277 -11.18 5.77 5.37
N THR A 278 -10.06 5.41 6.00
CA THR A 278 -8.91 6.29 6.19
C THR A 278 -7.75 6.01 5.27
N LEU A 279 -7.23 7.09 4.71
CA LEU A 279 -6.06 7.16 3.86
C LEU A 279 -5.02 8.01 4.59
N THR A 280 -3.79 7.52 4.65
CA THR A 280 -2.66 8.26 5.23
C THR A 280 -2.01 9.03 4.07
N SER A 281 -1.01 9.88 4.37
CA SER A 281 -0.29 10.64 3.35
C SER A 281 0.36 9.75 2.28
N ALA A 282 0.84 8.56 2.67
CA ALA A 282 1.44 7.61 1.75
C ALA A 282 0.43 7.12 0.70
N ASP A 283 -0.87 7.12 1.04
CA ASP A 283 -1.98 6.72 0.17
C ASP A 283 -2.44 7.78 -0.81
N TYR A 284 -2.18 9.09 -0.54
CA TYR A 284 -2.65 10.14 -1.45
C TYR A 284 -1.53 11.07 -1.95
N VAL A 285 -0.28 10.90 -1.52
CA VAL A 285 0.84 11.72 -1.99
C VAL A 285 1.66 10.91 -2.96
N PHE A 286 1.93 11.48 -4.15
CA PHE A 286 2.81 10.82 -5.12
C PHE A 286 4.20 11.23 -4.70
N GLN A 287 4.74 10.45 -3.76
CA GLN A 287 6.04 10.63 -3.13
C GLN A 287 7.20 10.28 -4.09
N GLU A 288 7.39 11.09 -5.15
CA GLU A 288 8.43 10.82 -6.17
C GLU A 288 9.86 11.08 -5.66
N SER A 289 9.99 11.84 -4.55
CA SER A 289 11.23 12.19 -3.83
C SER A 289 10.85 12.76 -2.45
N TYR A 290 11.83 13.07 -1.59
CA TYR A 290 11.59 13.68 -0.27
C TYR A 290 12.31 15.03 -0.20
N SER A 291 12.78 15.51 -1.34
CA SER A 291 13.54 16.75 -1.41
C SER A 291 12.73 18.00 -1.13
N SER A 292 13.29 18.90 -0.31
CA SER A 292 12.75 20.22 0.03
C SER A 292 12.82 21.16 -1.22
N LYS A 293 13.55 20.71 -2.28
CA LYS A 293 13.78 21.39 -3.55
C LYS A 293 12.85 20.91 -4.71
N LYS A 294 11.94 19.95 -4.43
CA LYS A 294 11.00 19.45 -5.45
C LYS A 294 9.55 19.50 -4.95
N LEU A 295 8.58 19.52 -5.88
CA LEU A 295 7.15 19.55 -5.56
C LEU A 295 6.56 18.17 -5.84
N CYS A 296 5.68 17.71 -4.94
CA CYS A 296 5.05 16.40 -5.07
C CYS A 296 3.56 16.55 -5.24
N THR A 297 2.99 15.89 -6.27
CA THR A 297 1.54 15.95 -6.56
C THR A 297 0.72 15.09 -5.59
N LEU A 298 -0.55 15.44 -5.42
CA LEU A 298 -1.51 14.73 -4.61
C LEU A 298 -2.55 14.04 -5.50
N ALA A 299 -2.99 12.86 -5.06
CA ALA A 299 -3.96 12.07 -5.80
C ALA A 299 -5.41 12.44 -5.42
N ILE A 300 -5.63 13.73 -5.16
CA ILE A 300 -6.90 14.38 -4.84
C ILE A 300 -6.99 15.66 -5.68
N HIS A 301 -8.07 15.82 -6.46
CA HIS A 301 -8.27 16.95 -7.37
C HIS A 301 -9.67 17.54 -7.19
N ALA A 302 -9.86 18.76 -7.71
CA ALA A 302 -11.18 19.43 -7.71
C ALA A 302 -11.86 19.02 -9.00
N MET A 303 -13.15 18.70 -8.94
CA MET A 303 -13.93 18.30 -10.12
C MET A 303 -15.39 18.60 -9.84
N ASP A 304 -15.95 19.57 -10.59
CA ASP A 304 -17.35 19.93 -10.42
C ASP A 304 -18.18 19.11 -11.37
N ILE A 305 -18.85 18.08 -10.83
CA ILE A 305 -19.69 17.19 -11.61
C ILE A 305 -21.08 17.80 -11.71
N PRO A 306 -21.62 18.00 -12.94
CA PRO A 306 -22.93 18.67 -13.06
C PRO A 306 -24.13 17.79 -12.69
N PRO A 307 -25.30 18.39 -12.36
CA PRO A 307 -26.47 17.57 -12.04
C PRO A 307 -26.97 16.73 -13.23
N PRO A 308 -27.76 15.65 -13.02
CA PRO A 308 -28.32 15.16 -11.74
C PRO A 308 -27.35 14.39 -10.84
N THR A 309 -26.24 13.85 -11.40
CA THR A 309 -25.23 13.08 -10.65
C THR A 309 -24.53 13.92 -9.58
N GLY A 310 -24.07 15.11 -9.97
CA GLY A 310 -23.38 16.03 -9.09
C GLY A 310 -24.26 17.15 -8.56
N PRO A 311 -23.75 18.04 -7.68
CA PRO A 311 -22.40 18.07 -7.09
C PRO A 311 -22.15 16.82 -6.25
N THR A 312 -20.96 16.19 -6.44
CA THR A 312 -20.60 14.95 -5.77
C THR A 312 -19.12 14.76 -5.61
N TRP A 313 -18.74 13.89 -4.65
CA TRP A 313 -17.36 13.47 -4.55
C TRP A 313 -17.24 12.25 -5.48
N ALA A 314 -16.03 11.94 -5.89
CA ALA A 314 -15.78 10.73 -6.69
C ALA A 314 -14.60 10.02 -6.05
N LEU A 315 -14.78 8.72 -5.74
CA LEU A 315 -13.74 7.88 -5.15
C LEU A 315 -13.16 7.03 -6.26
N GLY A 316 -12.04 7.51 -6.81
CA GLY A 316 -11.32 6.86 -7.89
C GLY A 316 -10.25 5.90 -7.45
N ALA A 317 -9.28 5.62 -8.36
CA ALA A 317 -8.16 4.69 -8.11
C ALA A 317 -7.42 4.93 -6.78
N THR A 318 -7.36 6.20 -6.30
CA THR A 318 -6.69 6.55 -5.02
C THR A 318 -7.31 5.78 -3.86
N PHE A 319 -8.66 5.66 -3.89
CA PHE A 319 -9.47 4.99 -2.89
C PHE A 319 -9.47 3.47 -3.05
N ILE A 320 -9.70 3.00 -4.28
CA ILE A 320 -9.78 1.57 -4.62
C ILE A 320 -8.45 0.83 -4.35
N ARG A 321 -7.29 1.51 -4.50
CA ARG A 321 -5.98 0.89 -4.18
C ARG A 321 -5.97 0.39 -2.74
N LYS A 322 -6.48 1.23 -1.81
CA LYS A 322 -6.55 0.95 -0.39
C LYS A 322 -7.70 -0.04 -0.05
N PHE A 323 -8.85 0.12 -0.72
CA PHE A 323 -10.04 -0.71 -0.47
C PHE A 323 -10.56 -1.47 -1.67
N TYR A 324 -10.41 -2.82 -1.64
CA TYR A 324 -10.96 -3.76 -2.62
C TYR A 324 -12.48 -3.45 -2.68
N THR A 325 -13.03 -3.25 -3.90
CA THR A 325 -14.42 -2.83 -4.11
C THR A 325 -15.27 -3.88 -4.86
N GLU A 326 -16.46 -4.18 -4.33
CA GLU A 326 -17.42 -5.10 -4.93
C GLU A 326 -18.68 -4.31 -5.31
N PHE A 327 -19.05 -4.35 -6.59
CA PHE A 327 -20.21 -3.67 -7.14
C PHE A 327 -21.28 -4.72 -7.30
N ASP A 328 -22.31 -4.62 -6.44
CA ASP A 328 -23.38 -5.59 -6.33
C ASP A 328 -24.67 -5.12 -7.01
N ARG A 329 -24.97 -5.68 -8.18
CA ARG A 329 -26.15 -5.33 -8.97
C ARG A 329 -27.44 -5.91 -8.39
N ARG A 330 -27.39 -7.17 -7.93
CA ARG A 330 -28.53 -7.90 -7.34
C ARG A 330 -29.18 -7.12 -6.19
N ASN A 331 -28.37 -6.53 -5.30
CA ASN A 331 -28.78 -5.81 -4.11
C ASN A 331 -28.64 -4.29 -4.12
N ASN A 332 -28.17 -3.70 -5.25
CA ASN A 332 -27.92 -2.26 -5.41
C ASN A 332 -27.14 -1.68 -4.24
N ARG A 333 -25.95 -2.26 -4.01
CA ARG A 333 -25.03 -1.86 -2.96
C ARG A 333 -23.58 -1.99 -3.42
N ILE A 334 -22.66 -1.37 -2.66
CA ILE A 334 -21.22 -1.40 -2.88
C ILE A 334 -20.57 -1.90 -1.61
N GLY A 335 -19.70 -2.88 -1.75
CA GLY A 335 -18.95 -3.43 -0.62
C GLY A 335 -17.49 -3.06 -0.69
N PHE A 336 -16.90 -2.68 0.46
CA PHE A 336 -15.49 -2.35 0.63
C PHE A 336 -14.83 -3.28 1.65
N ALA A 337 -13.61 -3.72 1.34
CA ALA A 337 -12.78 -4.53 2.22
C ALA A 337 -11.34 -4.03 2.03
N LEU A 338 -10.50 -4.20 3.05
CA LEU A 338 -9.10 -3.77 3.00
C LEU A 338 -8.33 -4.63 1.99
N ALA A 339 -7.79 -4.00 0.94
CA ALA A 339 -7.02 -4.70 -0.10
C ALA A 339 -5.72 -5.29 0.43
N ARG A 340 -5.27 -6.36 -0.23
CA ARG A 340 -3.98 -7.02 0.03
C ARG A 340 -3.33 -7.60 -1.26
N LEU B 1 -1.47 -24.54 21.75
CA LEU B 1 -1.70 -23.72 20.55
C LEU B 1 -2.82 -24.31 19.67
N THR B 2 -3.73 -23.43 19.22
CA THR B 2 -4.79 -23.74 18.27
C THR B 2 -4.44 -23.05 16.95
N LEU B 3 -4.62 -23.75 15.82
CA LEU B 3 -4.34 -23.20 14.50
C LEU B 3 -5.59 -23.13 13.61
N GLY B 4 -5.75 -22.02 12.91
CA GLY B 4 -6.85 -21.78 11.99
C GLY B 4 -6.39 -21.91 10.55
N ASN B 5 -7.00 -21.11 9.67
CA ASN B 5 -6.70 -21.13 8.25
C ASN B 5 -6.56 -19.70 7.67
N THR B 6 -6.26 -18.73 8.54
CA THR B 6 -6.09 -17.37 8.07
C THR B 6 -4.67 -16.82 8.25
N THR B 7 -4.39 -15.83 7.41
CA THR B 7 -3.21 -15.00 7.39
C THR B 7 -3.73 -13.58 7.29
N SER B 8 -2.91 -12.62 7.68
CA SER B 8 -3.26 -11.22 7.61
C SER B 8 -2.04 -10.41 7.24
N SER B 9 -2.19 -9.54 6.23
CA SER B 9 -1.07 -8.73 5.76
C SER B 9 -1.21 -7.23 6.13
N VAL B 10 -0.06 -6.55 6.34
CA VAL B 10 -0.04 -5.12 6.62
C VAL B 10 0.98 -4.51 5.67
N ILE B 11 0.50 -3.59 4.79
CA ILE B 11 1.33 -2.87 3.82
C ILE B 11 2.19 -1.85 4.61
N LEU B 12 3.49 -1.81 4.31
CA LEU B 12 4.40 -0.88 5.00
C LEU B 12 4.86 0.20 4.08
N THR B 13 5.16 1.38 4.63
CA THR B 13 5.72 2.54 3.94
C THR B 13 7.19 2.50 4.26
N ASN B 14 8.00 2.69 3.25
CA ASN B 14 9.44 2.78 3.38
C ASN B 14 9.83 4.26 3.36
N TYR B 15 10.29 4.75 4.51
CA TYR B 15 10.81 6.09 4.62
C TYR B 15 12.35 6.07 4.53
N MET B 16 12.91 6.50 3.38
CA MET B 16 14.37 6.65 3.13
C MET B 16 15.25 5.41 3.46
N ASP B 17 14.69 4.17 3.37
CA ASP B 17 15.40 2.92 3.71
C ASP B 17 15.80 2.86 5.22
N THR B 18 15.25 3.74 6.09
CA THR B 18 15.61 3.74 7.52
C THR B 18 14.41 3.55 8.45
N GLN B 19 13.20 3.79 7.98
CA GLN B 19 12.00 3.63 8.81
C GLN B 19 10.93 2.92 8.00
N TYR B 20 10.43 1.77 8.52
CA TYR B 20 9.38 0.99 7.87
C TYR B 20 8.22 0.90 8.84
N TYR B 21 7.06 1.40 8.41
CA TYR B 21 5.88 1.45 9.26
C TYR B 21 4.61 1.16 8.50
N GLY B 22 3.62 0.67 9.22
CA GLY B 22 2.31 0.35 8.68
C GLY B 22 1.26 0.85 9.62
N GLU B 23 0.00 0.55 9.34
CA GLU B 23 -1.10 1.05 10.14
C GLU B 23 -1.73 0.06 11.08
N ILE B 24 -2.18 0.58 12.24
CA ILE B 24 -3.01 -0.14 13.23
C ILE B 24 -4.14 0.81 13.62
N GLY B 25 -5.30 0.25 13.91
CA GLY B 25 -6.44 1.03 14.38
C GLY B 25 -6.70 0.71 15.83
N ILE B 26 -6.82 1.74 16.69
CA ILE B 26 -7.08 1.56 18.13
C ILE B 26 -8.41 2.22 18.52
N GLY B 27 -9.26 1.49 19.22
CA GLY B 27 -10.54 1.98 19.71
C GLY B 27 -11.77 1.74 18.85
N THR B 28 -12.93 2.21 19.35
CA THR B 28 -14.26 2.17 18.71
C THR B 28 -14.86 3.59 18.73
N PRO B 29 -14.94 4.31 17.58
CA PRO B 29 -14.46 3.92 16.23
C PRO B 29 -12.91 3.88 16.21
N PRO B 30 -12.25 3.16 15.26
CA PRO B 30 -10.78 3.13 15.31
C PRO B 30 -10.08 4.46 15.02
N GLN B 31 -9.02 4.75 15.79
CA GLN B 31 -8.11 5.90 15.62
C GLN B 31 -6.86 5.24 15.01
N THR B 32 -6.36 5.74 13.88
CA THR B 32 -5.25 5.10 13.18
C THR B 32 -3.88 5.67 13.50
N PHE B 33 -2.88 4.77 13.60
CA PHE B 33 -1.48 5.13 13.89
C PHE B 33 -0.56 4.48 12.91
N LYS B 34 0.58 5.15 12.64
CA LYS B 34 1.71 4.67 11.84
C LYS B 34 2.63 4.02 12.87
N VAL B 35 2.84 2.69 12.76
CA VAL B 35 3.67 1.97 13.74
C VAL B 35 4.78 1.15 13.06
N VAL B 36 5.94 1.02 13.75
CA VAL B 36 7.04 0.15 13.35
C VAL B 36 6.72 -1.21 14.01
N PHE B 37 6.78 -2.30 13.23
CA PHE B 37 6.57 -3.66 13.76
C PHE B 37 7.99 -4.12 14.08
N ASP B 38 8.29 -4.17 15.37
CA ASP B 38 9.64 -4.32 15.88
C ASP B 38 9.94 -5.63 16.65
N THR B 39 10.79 -6.51 16.08
CA THR B 39 11.20 -7.76 16.74
C THR B 39 12.19 -7.52 17.89
N GLY B 40 12.83 -6.34 17.91
CA GLY B 40 13.76 -5.96 18.96
C GLY B 40 13.14 -5.37 20.22
N SER B 41 11.79 -5.41 20.37
CA SER B 41 11.02 -4.93 21.53
C SER B 41 9.70 -5.69 21.64
N SER B 42 8.99 -5.64 22.79
CA SER B 42 7.80 -6.44 23.03
C SER B 42 6.55 -5.67 23.49
N ASN B 43 6.64 -4.34 23.53
CA ASN B 43 5.49 -3.54 23.99
C ASN B 43 4.86 -2.79 22.86
N VAL B 44 3.54 -2.55 22.98
CA VAL B 44 2.78 -1.74 22.03
C VAL B 44 2.64 -0.39 22.71
N TRP B 45 2.90 0.70 21.98
CA TRP B 45 2.73 2.05 22.48
C TRP B 45 2.43 3.01 21.36
N VAL B 46 1.65 4.05 21.65
CA VAL B 46 1.30 5.15 20.75
C VAL B 46 1.35 6.46 21.59
N PRO B 47 1.53 7.66 20.96
CA PRO B 47 1.48 8.89 21.76
C PRO B 47 0.06 9.11 22.30
N SER B 48 -0.06 9.64 23.53
CA SER B 48 -1.36 9.87 24.18
C SER B 48 -1.83 11.30 24.02
N SER B 49 -3.16 11.55 24.13
CA SER B 49 -3.77 12.90 24.09
C SER B 49 -3.39 13.64 25.38
N LYS B 50 -2.98 12.88 26.40
CA LYS B 50 -2.55 13.38 27.70
C LYS B 50 -1.05 13.79 27.69
N CYS B 51 -0.41 13.75 26.50
CA CYS B 51 0.98 14.17 26.35
C CYS B 51 1.05 15.68 26.33
N SER B 52 1.95 16.26 27.17
CA SER B 52 2.14 17.73 27.23
C SER B 52 2.60 18.26 25.89
N ARG B 53 1.93 19.34 25.41
CA ARG B 53 2.24 20.00 24.15
C ARG B 53 3.60 20.72 24.18
N LEU B 54 4.27 20.72 25.37
CA LEU B 54 5.60 21.29 25.60
C LEU B 54 6.62 20.50 24.77
N TYR B 55 6.38 19.18 24.64
CA TYR B 55 7.16 18.25 23.81
C TYR B 55 6.67 18.51 22.37
N THR B 56 7.55 19.06 21.52
CA THR B 56 7.26 19.35 20.11
C THR B 56 6.89 18.08 19.32
N ALA B 57 7.40 16.90 19.78
CA ALA B 57 7.15 15.58 19.19
C ALA B 57 5.66 15.21 19.22
N CYS B 58 4.95 15.47 20.35
CA CYS B 58 3.53 15.15 20.48
C CYS B 58 2.62 16.02 19.62
N VAL B 59 3.03 17.28 19.39
CA VAL B 59 2.35 18.25 18.51
C VAL B 59 2.42 17.73 17.03
N TYR B 60 3.57 17.16 16.64
CA TYR B 60 3.84 16.62 15.29
C TYR B 60 3.40 15.16 15.06
N HIS B 61 2.70 14.51 16.01
CA HIS B 61 2.25 13.14 15.89
C HIS B 61 0.77 12.94 16.22
N LYS B 62 0.21 11.81 15.77
CA LYS B 62 -1.17 11.42 16.04
C LYS B 62 -1.21 10.99 17.52
N LEU B 63 -2.25 11.42 18.24
CA LEU B 63 -2.40 11.11 19.66
C LEU B 63 -3.66 10.31 19.94
N PHE B 64 -3.54 9.27 20.79
CA PHE B 64 -4.68 8.45 21.17
C PHE B 64 -5.52 9.20 22.19
N ASP B 65 -6.81 9.32 21.90
CA ASP B 65 -7.77 9.96 22.81
C ASP B 65 -8.75 8.91 23.26
N ALA B 66 -8.57 8.44 24.52
CA ALA B 66 -9.40 7.42 25.15
C ALA B 66 -10.87 7.86 25.28
N SER B 67 -11.10 9.19 25.42
CA SER B 67 -12.41 9.84 25.56
C SER B 67 -13.28 9.70 24.29
N ASP B 68 -12.68 9.29 23.15
CA ASP B 68 -13.37 9.09 21.90
C ASP B 68 -13.59 7.60 21.59
N SER B 69 -13.21 6.71 22.53
CA SER B 69 -13.33 5.27 22.36
C SER B 69 -14.29 4.63 23.38
N SER B 70 -15.30 3.91 22.88
CA SER B 70 -16.31 3.22 23.70
C SER B 70 -15.83 1.89 24.26
N SER B 71 -14.78 1.31 23.64
CA SER B 71 -14.20 0.02 24.00
C SER B 71 -12.99 0.12 24.95
N TYR B 72 -12.57 1.35 25.26
CA TYR B 72 -11.45 1.60 26.17
C TYR B 72 -11.71 1.14 27.60
N LYS B 73 -10.68 0.54 28.24
CA LYS B 73 -10.72 0.08 29.63
C LYS B 73 -9.49 0.66 30.31
N HIS B 74 -9.73 1.49 31.34
CA HIS B 74 -8.67 2.17 32.10
C HIS B 74 -7.76 1.21 32.87
N ASN B 75 -6.46 1.54 32.95
CA ASN B 75 -5.50 0.81 33.77
C ASN B 75 -4.67 1.80 34.59
N GLY B 76 -3.89 2.64 33.92
CA GLY B 76 -3.12 3.69 34.56
C GLY B 76 -1.76 3.37 35.15
N THR B 77 -1.34 2.07 35.14
CA THR B 77 -0.02 1.67 35.65
C THR B 77 1.07 2.38 34.84
N GLU B 78 2.04 3.02 35.54
CA GLU B 78 3.16 3.72 34.91
C GLU B 78 4.01 2.75 34.11
N LEU B 79 4.59 3.24 33.02
CA LEU B 79 5.40 2.45 32.11
C LEU B 79 6.52 3.31 31.57
N THR B 80 7.76 2.80 31.64
CA THR B 80 8.94 3.47 31.09
C THR B 80 9.59 2.48 30.12
N LEU B 81 9.86 2.94 28.90
CA LEU B 81 10.52 2.15 27.86
C LEU B 81 11.85 2.79 27.49
N ARG B 82 12.95 2.16 27.96
CA ARG B 82 14.32 2.61 27.71
C ARG B 82 14.91 1.84 26.54
N TYR B 83 15.06 2.51 25.40
CA TYR B 83 15.64 1.90 24.21
C TYR B 83 17.05 2.44 23.99
N SER B 84 17.77 1.81 23.02
CA SER B 84 19.12 2.18 22.59
C SER B 84 19.16 3.55 21.90
N THR B 85 18.05 3.98 21.31
CA THR B 85 18.00 5.25 20.57
C THR B 85 17.42 6.41 21.38
N GLY B 86 16.73 6.09 22.47
CA GLY B 86 16.06 7.05 23.33
C GLY B 86 15.08 6.40 24.26
N THR B 87 14.47 7.21 25.15
CA THR B 87 13.52 6.76 26.17
C THR B 87 12.15 7.39 26.01
N VAL B 88 11.14 6.64 26.40
CA VAL B 88 9.74 7.01 26.31
C VAL B 88 9.06 6.54 27.61
N SER B 89 8.03 7.26 28.08
CA SER B 89 7.30 6.91 29.30
C SER B 89 5.88 7.40 29.29
N GLY B 90 5.02 6.69 30.01
CA GLY B 90 3.61 6.99 30.11
C GLY B 90 2.94 6.01 31.03
N PHE B 91 1.74 5.58 30.63
CA PHE B 91 0.92 4.65 31.43
C PHE B 91 0.20 3.62 30.54
N LEU B 92 -0.28 2.54 31.15
CA LEU B 92 -0.99 1.41 30.55
C LEU B 92 -2.50 1.65 30.32
N SER B 93 -3.00 1.27 29.12
CA SER B 93 -4.40 1.36 28.73
C SER B 93 -4.80 0.10 27.97
N GLN B 94 -6.10 -0.23 27.98
CA GLN B 94 -6.58 -1.39 27.22
C GLN B 94 -7.63 -0.92 26.23
N ASP B 95 -7.57 -1.46 25.02
CA ASP B 95 -8.53 -1.20 23.95
C ASP B 95 -8.41 -2.27 22.87
N ILE B 96 -9.30 -2.22 21.88
CA ILE B 96 -9.32 -3.11 20.74
C ILE B 96 -8.36 -2.55 19.67
N ILE B 97 -7.45 -3.42 19.18
CA ILE B 97 -6.50 -3.08 18.14
C ILE B 97 -6.81 -3.90 16.87
N THR B 98 -6.88 -3.23 15.72
CA THR B 98 -7.12 -3.91 14.45
C THR B 98 -5.80 -3.87 13.66
N VAL B 99 -5.28 -5.06 13.29
CA VAL B 99 -4.02 -5.26 12.52
C VAL B 99 -4.42 -6.07 11.27
N GLY B 100 -4.43 -5.44 10.10
CA GLY B 100 -4.84 -6.11 8.87
C GLY B 100 -6.30 -6.48 8.95
N GLY B 101 -6.60 -7.78 9.01
CA GLY B 101 -7.98 -8.24 9.14
C GLY B 101 -8.37 -8.84 10.48
N ILE B 102 -7.53 -8.63 11.52
CA ILE B 102 -7.64 -9.21 12.86
C ILE B 102 -7.90 -8.12 13.90
N THR B 103 -8.84 -8.38 14.82
CA THR B 103 -9.15 -7.50 15.94
C THR B 103 -8.71 -8.22 17.20
N VAL B 104 -7.94 -7.55 18.06
CA VAL B 104 -7.45 -8.14 19.31
C VAL B 104 -7.56 -7.15 20.48
N THR B 105 -8.00 -7.64 21.66
CA THR B 105 -8.09 -6.83 22.88
C THR B 105 -6.66 -6.76 23.40
N GLN B 106 -6.08 -5.56 23.42
CA GLN B 106 -4.68 -5.40 23.78
C GLN B 106 -4.40 -4.36 24.86
N MET B 107 -3.42 -4.66 25.73
CA MET B 107 -2.90 -3.75 26.73
C MET B 107 -1.69 -3.04 26.05
N PHE B 108 -1.74 -1.72 26.05
CA PHE B 108 -0.72 -0.93 25.38
C PHE B 108 -0.35 0.29 26.23
N GLY B 109 0.75 0.92 25.87
CA GLY B 109 1.21 2.12 26.54
C GLY B 109 0.77 3.37 25.85
N GLU B 110 0.24 4.30 26.64
CA GLU B 110 -0.17 5.64 26.25
C GLU B 110 1.00 6.49 26.74
N VAL B 111 1.75 7.05 25.78
CA VAL B 111 2.98 7.78 26.03
C VAL B 111 2.73 9.28 26.22
N THR B 112 3.28 9.84 27.32
CA THR B 112 3.14 11.26 27.71
C THR B 112 4.48 12.03 27.66
N GLU B 113 5.63 11.31 27.69
CA GLU B 113 6.97 11.89 27.62
C GLU B 113 7.65 11.39 26.33
N MET B 114 7.84 12.33 25.38
CA MET B 114 8.40 12.05 24.06
C MET B 114 9.55 13.02 23.67
N PRO B 115 10.82 12.63 23.92
CA PRO B 115 11.94 13.54 23.57
C PRO B 115 12.06 13.86 22.08
N ALA B 116 12.32 15.16 21.77
CA ALA B 116 12.50 15.67 20.41
C ALA B 116 13.60 14.90 19.66
N LEU B 117 14.66 14.52 20.38
CA LEU B 117 15.72 13.66 19.84
C LEU B 117 15.47 12.31 20.54
N PRO B 118 15.00 11.28 19.81
CA PRO B 118 14.87 11.17 18.34
C PRO B 118 13.45 11.22 17.75
N PHE B 119 12.41 11.41 18.57
CA PHE B 119 11.03 11.31 18.11
C PHE B 119 10.56 12.42 17.14
N MET B 120 11.34 13.51 16.95
CA MET B 120 11.03 14.49 15.92
C MET B 120 11.57 13.98 14.56
N LEU B 121 12.42 12.94 14.58
CA LEU B 121 12.99 12.28 13.38
C LEU B 121 12.07 11.19 12.87
N ALA B 122 11.26 10.65 13.81
CA ALA B 122 10.32 9.58 13.61
C ALA B 122 9.11 10.01 12.77
N GLU B 123 8.90 9.31 11.63
CA GLU B 123 7.78 9.53 10.72
C GLU B 123 6.60 8.64 11.11
N PHE B 124 6.86 7.71 12.01
CA PHE B 124 5.85 6.83 12.59
C PHE B 124 5.41 7.50 13.89
N ASP B 125 4.28 7.05 14.44
CA ASP B 125 3.70 7.53 15.70
C ASP B 125 4.13 6.65 16.87
N GLY B 126 4.03 5.33 16.70
CA GLY B 126 4.34 4.39 17.76
C GLY B 126 5.01 3.10 17.34
N VAL B 127 5.00 2.13 18.25
CA VAL B 127 5.70 0.86 18.07
C VAL B 127 4.80 -0.34 18.44
N VAL B 128 4.85 -1.40 17.61
CA VAL B 128 4.18 -2.68 17.85
C VAL B 128 5.32 -3.68 18.07
N GLY B 129 5.62 -3.95 19.35
CA GLY B 129 6.66 -4.88 19.72
C GLY B 129 6.30 -6.30 19.33
N MET B 130 7.14 -6.91 18.46
CA MET B 130 6.97 -8.26 17.92
C MET B 130 7.84 -9.31 18.68
N GLY B 131 8.52 -8.85 19.73
CA GLY B 131 9.34 -9.68 20.60
C GLY B 131 8.53 -10.54 21.55
N PHE B 132 9.24 -11.30 22.41
CA PHE B 132 8.65 -12.23 23.37
C PHE B 132 8.26 -11.56 24.70
N ILE B 133 7.33 -12.20 25.44
CA ILE B 133 6.85 -11.77 26.77
C ILE B 133 8.02 -11.60 27.77
N GLU B 134 9.10 -12.41 27.63
CA GLU B 134 10.30 -12.35 28.48
C GLU B 134 10.94 -10.96 28.48
N GLN B 135 10.82 -10.20 27.37
CA GLN B 135 11.40 -8.84 27.26
C GLN B 135 10.35 -7.71 27.38
N ALA B 136 9.08 -8.07 27.64
CA ALA B 136 7.97 -7.12 27.79
C ALA B 136 8.05 -6.39 29.13
N ILE B 137 8.13 -5.03 29.09
CA ILE B 137 8.18 -4.16 30.28
C ILE B 137 6.78 -4.18 30.93
N GLY B 138 6.76 -4.37 32.25
CA GLY B 138 5.53 -4.47 33.04
C GLY B 138 4.85 -5.81 32.87
N ARG B 139 5.57 -6.79 32.25
CA ARG B 139 5.13 -8.16 31.94
C ARG B 139 3.76 -8.17 31.23
N VAL B 140 3.58 -7.24 30.27
CA VAL B 140 2.36 -7.07 29.47
C VAL B 140 2.41 -8.10 28.32
N THR B 141 1.31 -8.86 28.12
CA THR B 141 1.26 -9.85 27.05
C THR B 141 1.43 -9.20 25.66
N PRO B 142 2.47 -9.59 24.87
CA PRO B 142 2.64 -9.02 23.52
C PRO B 142 1.47 -9.35 22.61
N ILE B 143 1.20 -8.46 21.64
CA ILE B 143 0.10 -8.57 20.68
C ILE B 143 0.08 -9.91 19.90
N PHE B 144 1.26 -10.47 19.52
CA PHE B 144 1.30 -11.72 18.77
C PHE B 144 0.80 -12.90 19.62
N ASP B 145 1.16 -12.93 20.91
CA ASP B 145 0.69 -13.95 21.85
C ASP B 145 -0.86 -13.88 21.96
N ASN B 146 -1.44 -12.68 22.01
CA ASN B 146 -2.89 -12.53 22.08
C ASN B 146 -3.58 -12.97 20.78
N ILE B 147 -2.93 -12.75 19.61
CA ILE B 147 -3.44 -13.16 18.29
C ILE B 147 -3.38 -14.71 18.20
N ILE B 148 -2.27 -15.30 18.67
CA ILE B 148 -2.10 -16.76 18.72
C ILE B 148 -3.24 -17.40 19.53
N SER B 149 -3.58 -16.80 20.70
CA SER B 149 -4.65 -17.28 21.58
C SER B 149 -6.00 -17.40 20.90
N GLN B 150 -6.25 -16.61 19.83
CA GLN B 150 -7.50 -16.65 19.07
C GLN B 150 -7.63 -17.91 18.23
N GLY B 151 -6.51 -18.56 17.93
CA GLY B 151 -6.47 -19.78 17.11
C GLY B 151 -7.06 -19.62 15.72
N VAL B 152 -6.75 -18.48 15.07
CA VAL B 152 -7.25 -18.15 13.72
C VAL B 152 -6.15 -18.22 12.64
N LEU B 153 -4.87 -18.10 13.02
CA LEU B 153 -3.72 -18.09 12.10
C LEU B 153 -3.32 -19.49 11.65
N LYS B 154 -2.99 -19.63 10.36
CA LYS B 154 -2.58 -20.89 9.74
C LYS B 154 -1.36 -21.47 10.44
N GLU B 155 -0.36 -20.61 10.74
CA GLU B 155 0.87 -21.00 11.41
C GLU B 155 1.26 -19.98 12.47
N ASP B 156 2.02 -20.45 13.46
CA ASP B 156 2.51 -19.67 14.60
C ASP B 156 3.79 -18.92 14.16
N VAL B 157 3.67 -18.16 13.08
CA VAL B 157 4.79 -17.44 12.46
C VAL B 157 4.33 -16.04 11.95
N PHE B 158 5.30 -15.18 11.66
CA PHE B 158 5.08 -13.88 11.04
C PHE B 158 6.30 -13.55 10.21
N SER B 159 6.08 -12.87 9.06
CA SER B 159 7.13 -12.58 8.07
C SER B 159 7.23 -11.13 7.67
N PHE B 160 8.45 -10.72 7.29
CA PHE B 160 8.80 -9.37 6.89
C PHE B 160 9.41 -9.31 5.53
N TYR B 161 8.93 -8.35 4.75
CA TYR B 161 9.46 -7.98 3.46
C TYR B 161 9.74 -6.49 3.53
N TYR B 162 10.98 -6.06 3.27
CA TYR B 162 11.39 -4.65 3.25
C TYR B 162 11.95 -4.38 1.84
N ASN B 163 11.35 -3.42 1.12
CA ASN B 163 11.78 -3.07 -0.23
C ASN B 163 12.89 -2.02 -0.18
N ARG B 164 13.56 -1.80 -1.33
CA ARG B 164 14.56 -0.77 -1.57
C ARG B 164 13.74 0.50 -1.91
N ASP B 165 14.10 1.68 -1.40
CA ASP B 165 13.34 2.90 -1.69
C ASP B 165 13.60 3.36 -3.12
N SER B 166 12.51 3.78 -3.81
CA SER B 166 12.51 4.28 -5.20
C SER B 166 11.31 5.21 -5.46
N SER B 169 9.23 6.05 -8.41
CA SER B 169 8.13 5.08 -8.48
C SER B 169 7.29 5.02 -7.19
N GLN B 170 6.01 4.56 -7.32
CA GLN B 170 5.01 4.42 -6.24
C GLN B 170 4.94 2.99 -5.67
N SER B 171 6.11 2.30 -5.71
CA SER B 171 6.33 0.94 -5.23
C SER B 171 5.93 0.73 -3.77
N LEU B 172 5.59 -0.53 -3.46
CA LEU B 172 5.26 -1.02 -2.14
C LEU B 172 6.53 -0.87 -1.26
N GLY B 173 6.38 -0.28 -0.09
CA GLY B 173 7.49 -0.06 0.81
C GLY B 173 7.94 -1.31 1.55
N GLY B 174 7.00 -2.19 1.80
CA GLY B 174 7.22 -3.43 2.51
C GLY B 174 5.92 -4.09 2.88
N GLN B 175 6.01 -5.25 3.54
CA GLN B 175 4.85 -6.03 3.94
C GLN B 175 5.19 -7.00 5.06
N ILE B 176 4.29 -7.06 6.05
CA ILE B 176 4.35 -8.00 7.15
C ILE B 176 3.16 -8.95 6.97
N VAL B 177 3.45 -10.25 7.08
CA VAL B 177 2.41 -11.29 7.00
C VAL B 177 2.33 -11.96 8.38
N LEU B 178 1.16 -11.94 9.01
CA LEU B 178 0.91 -12.62 10.27
C LEU B 178 0.23 -13.96 9.93
N GLY B 179 0.80 -15.07 10.41
CA GLY B 179 0.27 -16.40 10.17
C GLY B 179 0.92 -17.16 9.03
N GLY B 180 1.91 -16.57 8.36
CA GLY B 180 2.59 -17.20 7.24
C GLY B 180 3.60 -16.31 6.55
N SER B 181 3.86 -16.60 5.27
CA SER B 181 4.81 -15.89 4.41
C SER B 181 4.19 -15.63 3.05
N ASP B 182 4.67 -14.61 2.34
CA ASP B 182 4.17 -14.26 0.99
C ASP B 182 5.19 -14.69 -0.08
N PRO B 183 4.91 -15.79 -0.83
CA PRO B 183 5.87 -16.26 -1.84
C PRO B 183 6.17 -15.29 -2.98
N GLN B 184 5.36 -14.22 -3.15
CA GLN B 184 5.58 -13.17 -4.17
C GLN B 184 6.84 -12.35 -3.87
N HIS B 185 7.23 -12.27 -2.57
CA HIS B 185 8.35 -11.43 -2.16
C HIS B 185 9.64 -12.18 -1.82
N TYR B 186 9.67 -13.47 -2.09
CA TYR B 186 10.87 -14.26 -1.94
C TYR B 186 11.01 -15.34 -3.02
N GLU B 187 12.19 -15.89 -3.10
CA GLU B 187 12.40 -16.97 -4.04
C GLU B 187 13.22 -18.06 -3.40
N GLY B 188 13.03 -19.25 -3.95
CA GLY B 188 13.69 -20.44 -3.45
C GLY B 188 13.00 -20.87 -2.18
N ASN B 189 13.75 -21.55 -1.31
CA ASN B 189 13.21 -22.02 -0.03
C ASN B 189 13.90 -21.38 1.14
N PHE B 190 13.25 -21.44 2.29
CA PHE B 190 13.80 -20.92 3.51
C PHE B 190 14.78 -21.90 4.09
N HIS B 191 15.80 -21.36 4.75
CA HIS B 191 16.78 -22.09 5.55
CA HIS B 191 16.73 -22.12 5.54
C HIS B 191 16.70 -21.42 6.91
N TYR B 192 16.52 -22.24 7.95
CA TYR B 192 16.34 -21.79 9.31
C TYR B 192 17.56 -21.93 10.20
N ILE B 193 17.62 -21.06 11.21
CA ILE B 193 18.65 -20.99 12.26
C ILE B 193 17.84 -20.94 13.55
N ASN B 194 18.14 -21.83 14.49
CA ASN B 194 17.42 -21.87 15.75
C ASN B 194 17.89 -20.75 16.66
N LEU B 195 17.01 -20.29 17.57
CA LEU B 195 17.34 -19.26 18.54
C LEU B 195 18.26 -19.85 19.58
N ILE B 196 19.19 -19.03 20.12
CA ILE B 196 20.08 -19.42 21.22
C ILE B 196 19.17 -19.92 22.37
N LYS B 197 18.12 -19.15 22.66
CA LYS B 197 17.12 -19.37 23.71
C LYS B 197 15.86 -18.58 23.38
N THR B 198 14.72 -19.10 23.83
CA THR B 198 13.42 -18.45 23.69
C THR B 198 13.46 -17.10 24.46
N GLY B 199 12.63 -16.15 24.03
CA GLY B 199 12.57 -14.85 24.68
C GLY B 199 13.29 -13.73 23.98
N VAL B 200 14.20 -14.06 23.02
CA VAL B 200 14.99 -13.09 22.24
C VAL B 200 15.11 -13.60 20.79
N TRP B 201 14.83 -12.73 19.78
CA TRP B 201 15.01 -13.07 18.35
C TRP B 201 16.50 -12.89 18.04
N GLN B 202 17.32 -13.75 18.67
CA GLN B 202 18.78 -13.74 18.59
C GLN B 202 19.29 -15.12 18.27
N ILE B 203 20.21 -15.18 17.32
CA ILE B 203 20.80 -16.43 16.84
C ILE B 203 22.32 -16.40 16.93
N GLN B 204 22.93 -17.61 16.83
CA GLN B 204 24.38 -17.75 16.82
C GLN B 204 24.86 -17.39 15.43
N MET B 205 25.97 -16.66 15.36
CA MET B 205 26.64 -16.31 14.11
C MET B 205 28.03 -16.96 14.16
N LYS B 206 28.36 -17.75 13.13
CA LYS B 206 29.62 -18.50 13.05
C LYS B 206 30.82 -17.69 12.58
N GLY B 207 30.61 -16.57 11.89
CA GLY B 207 31.66 -15.70 11.39
C GLY B 207 31.19 -14.64 10.40
N VAL B 208 31.99 -13.54 10.26
CA VAL B 208 31.71 -12.43 9.34
C VAL B 208 32.92 -12.27 8.40
N SER B 209 32.68 -12.43 7.08
CA SER B 209 33.71 -12.36 6.03
C SER B 209 33.62 -11.07 5.21
N VAL B 210 34.77 -10.45 4.96
CA VAL B 210 34.90 -9.26 4.13
C VAL B 210 35.80 -9.69 2.95
N GLY B 211 35.19 -9.81 1.79
CA GLY B 211 35.90 -10.29 0.60
C GLY B 211 35.99 -11.81 0.66
N SER B 212 37.21 -12.36 0.71
CA SER B 212 37.40 -13.82 0.82
C SER B 212 37.77 -14.25 2.25
N SER B 213 38.72 -13.52 2.89
CA SER B 213 39.15 -13.72 4.27
C SER B 213 37.99 -13.44 5.25
N THR B 214 37.89 -14.22 6.37
CA THR B 214 36.87 -14.01 7.40
C THR B 214 37.27 -12.74 8.17
N LEU B 215 38.20 -12.87 9.12
CA LEU B 215 38.76 -11.78 9.94
C LEU B 215 37.87 -11.34 11.09
N LEU B 216 36.53 -11.44 10.95
CA LEU B 216 35.65 -11.03 12.05
C LEU B 216 34.79 -12.15 12.52
N CYS B 217 34.44 -12.15 13.83
CA CYS B 217 33.57 -13.15 14.44
C CYS B 217 34.20 -14.56 14.25
N GLU B 218 35.53 -14.62 14.23
CA GLU B 218 36.34 -15.83 14.03
C GLU B 218 36.01 -16.95 15.03
N ASP B 219 35.69 -16.60 16.29
CA ASP B 219 35.32 -17.59 17.31
C ASP B 219 33.80 -17.61 17.65
N GLY B 220 32.99 -16.99 16.79
CA GLY B 220 31.54 -16.96 16.97
C GLY B 220 31.00 -15.73 17.67
N CYS B 221 29.77 -15.29 17.26
CA CYS B 221 28.94 -14.13 17.69
C CYS B 221 27.58 -14.51 18.07
N LEU B 222 26.88 -13.44 18.40
CA LEU B 222 25.48 -13.35 18.66
C LEU B 222 25.00 -12.37 17.59
N ALA B 223 23.84 -12.70 16.97
CA ALA B 223 23.18 -11.90 15.95
C ALA B 223 21.67 -11.75 16.24
N LEU B 224 21.27 -10.51 16.61
CA LEU B 224 19.91 -10.08 16.91
C LEU B 224 19.19 -9.78 15.58
N VAL B 225 18.06 -10.42 15.27
CA VAL B 225 17.33 -10.14 14.02
C VAL B 225 16.25 -9.10 14.36
N ASP B 226 16.55 -7.84 14.04
CA ASP B 226 15.82 -6.66 14.48
C ASP B 226 15.14 -5.86 13.37
N THR B 227 13.81 -5.99 13.27
CA THR B 227 12.99 -5.31 12.26
C THR B 227 12.84 -3.80 12.52
N GLY B 228 13.05 -3.38 13.77
CA GLY B 228 13.01 -1.99 14.19
C GLY B 228 14.30 -1.24 13.95
N ALA B 229 15.44 -1.95 13.83
CA ALA B 229 16.73 -1.32 13.58
C ALA B 229 16.91 -1.03 12.09
N SER B 230 17.43 0.16 11.76
CA SER B 230 17.64 0.63 10.39
C SER B 230 18.78 -0.08 9.70
N TYR B 231 19.84 -0.42 10.45
CA TYR B 231 21.06 -0.93 9.86
C TYR B 231 21.54 -2.30 10.35
N ILE B 232 22.67 -2.73 9.77
CA ILE B 232 23.40 -3.87 10.26
C ILE B 232 24.35 -3.21 11.26
N SER B 233 24.27 -3.62 12.52
CA SER B 233 25.16 -3.08 13.51
C SER B 233 26.05 -4.14 14.14
N GLY B 234 27.23 -3.71 14.52
CA GLY B 234 28.23 -4.47 15.26
C GLY B 234 28.76 -3.57 16.35
N SER B 235 29.60 -4.13 17.23
CA SER B 235 30.26 -3.38 18.31
C SER B 235 31.24 -2.39 17.68
N THR B 236 31.60 -1.31 18.41
CA THR B 236 32.54 -0.28 17.94
C THR B 236 33.84 -0.90 17.42
N SER B 237 34.41 -1.87 18.16
CA SER B 237 35.65 -2.56 17.77
C SER B 237 35.48 -3.32 16.46
N SER B 238 34.43 -4.18 16.35
CA SER B 238 34.11 -4.97 15.15
C SER B 238 33.93 -4.05 13.93
N ILE B 239 33.18 -2.96 14.11
CA ILE B 239 32.89 -2.01 13.03
C ILE B 239 34.16 -1.23 12.67
N GLU B 240 35.07 -0.97 13.62
CA GLU B 240 36.34 -0.32 13.31
C GLU B 240 37.21 -1.19 12.38
N LYS B 241 37.32 -2.51 12.68
CA LYS B 241 38.08 -3.45 11.83
C LYS B 241 37.42 -3.60 10.47
N LEU B 242 36.07 -3.79 10.45
CA LEU B 242 35.29 -3.92 9.21
C LEU B 242 35.49 -2.69 8.31
N MET B 243 35.39 -1.49 8.88
CA MET B 243 35.54 -0.25 8.10
C MET B 243 36.95 -0.01 7.58
N GLU B 244 37.98 -0.42 8.37
CA GLU B 244 39.39 -0.33 7.97
C GLU B 244 39.57 -1.18 6.69
N ALA B 245 39.01 -2.41 6.69
CA ALA B 245 39.02 -3.36 5.58
C ALA B 245 38.34 -2.83 4.31
N LEU B 246 37.29 -2.01 4.45
CA LEU B 246 36.57 -1.42 3.31
C LEU B 246 37.23 -0.12 2.80
N GLY B 247 38.10 0.47 3.62
CA GLY B 247 38.76 1.72 3.28
C GLY B 247 37.84 2.90 3.50
N ALA B 248 36.85 2.74 4.40
CA ALA B 248 35.88 3.76 4.78
C ALA B 248 36.45 4.63 5.89
N LYS B 249 36.15 5.93 5.83
CA LYS B 249 36.64 6.90 6.80
C LYS B 249 35.49 7.42 7.65
N LYS B 250 35.74 7.70 8.93
CA LYS B 250 34.73 8.34 9.76
C LYS B 250 34.78 9.84 9.41
N ARG B 251 33.65 10.40 8.91
CA ARG B 251 33.47 11.81 8.55
C ARG B 251 33.49 12.59 9.88
N LEU B 252 32.29 12.90 10.39
CA LEU B 252 32.10 13.57 11.65
C LEU B 252 31.20 12.70 12.48
N PHE B 253 30.08 12.27 11.89
CA PHE B 253 29.10 11.41 12.55
C PHE B 253 29.18 9.97 12.03
N ASP B 254 29.40 9.78 10.70
CA ASP B 254 29.36 8.46 10.08
C ASP B 254 30.57 8.02 9.25
N TYR B 255 30.60 6.73 8.86
CA TYR B 255 31.60 6.15 7.98
C TYR B 255 31.12 6.37 6.54
N VAL B 256 32.02 6.83 5.67
CA VAL B 256 31.78 7.12 4.25
C VAL B 256 32.89 6.59 3.35
N VAL B 257 32.58 6.48 2.04
CA VAL B 257 33.53 6.15 0.97
C VAL B 257 33.26 7.15 -0.16
N LYS B 258 34.22 7.37 -1.07
CA LYS B 258 33.99 8.21 -2.26
C LYS B 258 32.93 7.46 -3.05
N CYS B 259 31.85 8.15 -3.49
CA CYS B 259 30.71 7.50 -4.16
C CYS B 259 31.08 6.57 -5.33
N ASN B 260 32.09 6.98 -6.15
CA ASN B 260 32.54 6.19 -7.28
C ASN B 260 33.22 4.90 -6.84
N GLU B 261 33.82 4.89 -5.63
CA GLU B 261 34.49 3.72 -5.09
C GLU B 261 33.53 2.67 -4.57
N GLY B 262 32.27 3.04 -4.30
CA GLY B 262 31.24 2.12 -3.82
C GLY B 262 31.18 0.79 -4.56
N PRO B 263 30.95 0.78 -5.89
CA PRO B 263 30.88 -0.51 -6.64
C PRO B 263 32.16 -1.36 -6.64
N THR B 264 33.27 -0.86 -6.07
CA THR B 264 34.56 -1.57 -5.97
C THR B 264 34.74 -2.22 -4.60
N LEU B 265 33.84 -1.95 -3.64
CA LEU B 265 33.93 -2.50 -2.29
C LEU B 265 33.61 -4.00 -2.28
N PRO B 266 34.26 -4.79 -1.40
CA PRO B 266 34.00 -6.25 -1.43
C PRO B 266 32.64 -6.64 -0.87
N ASP B 267 32.29 -7.92 -1.06
CA ASP B 267 31.07 -8.51 -0.52
C ASP B 267 31.29 -8.73 0.96
N ILE B 268 30.21 -8.66 1.75
CA ILE B 268 30.23 -8.95 3.18
C ILE B 268 29.29 -10.13 3.35
N SER B 269 29.77 -11.20 3.99
CA SER B 269 29.05 -12.45 4.23
C SER B 269 28.91 -12.71 5.71
N PHE B 270 27.72 -13.10 6.12
CA PHE B 270 27.38 -13.44 7.50
C PHE B 270 27.06 -14.95 7.53
N HIS B 271 27.86 -15.72 8.26
CA HIS B 271 27.69 -17.17 8.37
C HIS B 271 26.66 -17.47 9.46
N LEU B 272 25.51 -17.97 9.03
CA LEU B 272 24.37 -18.27 9.89
C LEU B 272 23.83 -19.65 9.54
N GLY B 273 23.81 -20.54 10.53
CA GLY B 273 23.36 -21.93 10.38
C GLY B 273 24.04 -22.71 9.26
N GLY B 274 25.35 -22.59 9.14
CA GLY B 274 26.09 -23.33 8.11
C GLY B 274 26.03 -22.78 6.70
N LYS B 275 25.08 -21.81 6.44
CA LYS B 275 24.87 -21.11 5.17
C LYS B 275 25.51 -19.71 5.25
N GLU B 276 25.83 -19.16 4.09
CA GLU B 276 26.48 -17.85 3.99
C GLU B 276 25.50 -16.85 3.40
N TYR B 277 25.27 -15.72 4.11
CA TYR B 277 24.37 -14.63 3.73
C TYR B 277 25.19 -13.44 3.28
N THR B 278 25.28 -13.28 1.95
CA THR B 278 26.13 -12.30 1.29
C THR B 278 25.39 -11.07 0.77
N LEU B 279 25.96 -9.90 1.10
CA LEU B 279 25.55 -8.58 0.68
C LEU B 279 26.68 -8.02 -0.17
N THR B 280 26.37 -7.48 -1.35
CA THR B 280 27.33 -6.83 -2.23
C THR B 280 27.35 -5.35 -1.82
N SER B 281 28.28 -4.55 -2.38
CA SER B 281 28.38 -3.11 -2.09
C SER B 281 27.08 -2.36 -2.40
N ALA B 282 26.36 -2.78 -3.44
CA ALA B 282 25.08 -2.18 -3.82
C ALA B 282 24.01 -2.34 -2.70
N ASP B 283 24.15 -3.40 -1.86
CA ASP B 283 23.24 -3.71 -0.75
C ASP B 283 23.56 -2.96 0.54
N TYR B 284 24.81 -2.45 0.72
CA TYR B 284 25.15 -1.75 1.96
C TYR B 284 25.68 -0.32 1.75
N VAL B 285 25.84 0.13 0.49
CA VAL B 285 26.27 1.50 0.22
C VAL B 285 25.06 2.33 -0.20
N PHE B 286 24.84 3.49 0.45
CA PHE B 286 23.76 4.37 0.05
C PHE B 286 24.33 5.20 -1.08
N GLN B 287 24.15 4.69 -2.29
CA GLN B 287 24.67 5.32 -3.51
C GLN B 287 23.83 6.51 -3.94
N GLU B 288 23.81 7.58 -3.11
CA GLU B 288 23.08 8.83 -3.39
C GLU B 288 23.55 9.45 -4.72
N SER B 289 24.73 9.00 -5.25
CA SER B 289 25.39 9.36 -6.51
C SER B 289 26.54 8.35 -6.75
N TYR B 290 27.21 8.44 -7.91
CA TYR B 290 28.37 7.59 -8.21
C TYR B 290 29.56 8.48 -8.60
N SER B 291 29.48 9.76 -8.20
CA SER B 291 30.47 10.81 -8.46
C SER B 291 31.73 10.68 -7.60
N SER B 292 32.89 10.83 -8.28
CA SER B 292 34.24 10.88 -7.71
C SER B 292 34.46 12.19 -6.90
N LYS B 293 33.48 13.11 -6.98
CA LYS B 293 33.45 14.42 -6.32
C LYS B 293 32.58 14.43 -5.05
N LYS B 294 31.98 13.28 -4.71
CA LYS B 294 31.08 13.11 -3.56
C LYS B 294 31.41 11.90 -2.66
N LEU B 295 30.98 11.97 -1.38
CA LEU B 295 31.11 10.92 -0.34
C LEU B 295 29.75 10.30 -0.02
N CYS B 296 29.69 8.94 -0.01
CA CYS B 296 28.50 8.10 0.18
C CYS B 296 28.55 7.36 1.50
N THR B 297 27.42 7.40 2.26
CA THR B 297 27.29 6.73 3.56
C THR B 297 27.05 5.23 3.40
N LEU B 298 27.38 4.47 4.44
CA LEU B 298 27.20 3.02 4.47
C LEU B 298 26.07 2.68 5.44
N ALA B 299 25.24 1.70 5.08
CA ALA B 299 24.08 1.21 5.84
C ALA B 299 24.49 0.20 6.93
N ILE B 300 25.73 0.35 7.46
CA ILE B 300 26.32 -0.42 8.55
C ILE B 300 26.86 0.59 9.55
N HIS B 301 26.45 0.48 10.82
CA HIS B 301 26.84 1.37 11.90
C HIS B 301 27.33 0.63 13.14
N ALA B 302 28.03 1.35 14.02
CA ALA B 302 28.50 0.82 15.29
C ALA B 302 27.37 1.01 16.31
N MET B 303 27.14 0.01 17.15
CA MET B 303 26.11 0.05 18.20
C MET B 303 26.52 -0.92 19.30
N ASP B 304 26.85 -0.40 20.47
CA ASP B 304 27.24 -1.23 21.61
C ASP B 304 26.00 -1.56 22.42
N ILE B 305 25.48 -2.78 22.25
CA ILE B 305 24.28 -3.22 22.95
C ILE B 305 24.70 -3.78 24.32
N PRO B 306 24.12 -3.27 25.43
CA PRO B 306 24.55 -3.74 26.75
C PRO B 306 24.02 -5.14 27.13
N PRO B 307 24.68 -5.84 28.09
CA PRO B 307 24.17 -7.15 28.51
C PRO B 307 22.76 -7.08 29.16
N PRO B 308 22.00 -8.20 29.24
CA PRO B 308 22.36 -9.58 28.84
C PRO B 308 22.29 -9.86 27.33
N THR B 309 21.54 -9.03 26.56
CA THR B 309 21.37 -9.20 25.11
C THR B 309 22.69 -9.05 24.34
N GLY B 310 23.43 -7.98 24.65
CA GLY B 310 24.72 -7.69 24.05
C GLY B 310 25.92 -8.11 24.89
N PRO B 311 27.17 -7.94 24.40
CA PRO B 311 27.59 -7.43 23.07
C PRO B 311 27.07 -8.34 21.97
N THR B 312 26.48 -7.73 20.92
CA THR B 312 25.87 -8.46 19.80
C THR B 312 25.86 -7.66 18.52
N TRP B 313 25.75 -8.39 17.39
CA TRP B 313 25.50 -7.76 16.13
C TRP B 313 23.96 -7.64 16.05
N ALA B 314 23.48 -6.73 15.23
CA ALA B 314 22.04 -6.61 15.00
C ALA B 314 21.85 -6.56 13.49
N LEU B 315 20.99 -7.42 12.97
CA LEU B 315 20.70 -7.48 11.54
C LEU B 315 19.36 -6.76 11.34
N GLY B 316 19.46 -5.48 10.99
CA GLY B 316 18.33 -4.59 10.77
C GLY B 316 17.87 -4.55 9.33
N ALA B 317 17.20 -3.45 8.95
CA ALA B 317 16.64 -3.25 7.61
C ALA B 317 17.64 -3.51 6.46
N THR B 318 18.94 -3.20 6.65
CA THR B 318 19.96 -3.46 5.62
C THR B 318 19.97 -4.96 5.23
N PHE B 319 19.91 -5.84 6.24
CA PHE B 319 19.90 -7.29 6.05
C PHE B 319 18.58 -7.82 5.50
N ILE B 320 17.46 -7.39 6.09
CA ILE B 320 16.10 -7.81 5.73
C ILE B 320 15.75 -7.42 4.28
N ARG B 321 16.25 -6.27 3.77
CA ARG B 321 16.00 -5.87 2.38
C ARG B 321 16.46 -6.98 1.43
N LYS B 322 17.65 -7.53 1.68
CA LYS B 322 18.25 -8.62 0.90
C LYS B 322 17.58 -9.98 1.18
N PHE B 323 17.27 -10.27 2.45
CA PHE B 323 16.68 -11.54 2.84
C PHE B 323 15.32 -11.44 3.52
N TYR B 324 14.28 -11.92 2.82
CA TYR B 324 12.92 -12.06 3.33
C TYR B 324 13.06 -12.91 4.61
N THR B 325 12.49 -12.44 5.73
CA THR B 325 12.64 -13.05 7.06
C THR B 325 11.34 -13.57 7.63
N GLU B 326 11.36 -14.82 8.12
CA GLU B 326 10.24 -15.47 8.77
C GLU B 326 10.61 -15.76 10.24
N PHE B 327 9.82 -15.22 11.15
CA PHE B 327 10.00 -15.38 12.61
C PHE B 327 9.04 -16.45 13.04
N ASP B 328 9.60 -17.62 13.40
CA ASP B 328 8.84 -18.84 13.73
C ASP B 328 8.78 -19.05 15.24
N ARG B 329 7.62 -18.77 15.83
CA ARG B 329 7.41 -18.93 17.28
C ARG B 329 7.27 -20.39 17.71
N ARG B 330 6.55 -21.20 16.91
CA ARG B 330 6.30 -22.61 17.18
C ARG B 330 7.59 -23.41 17.44
N ASN B 331 8.63 -23.15 16.61
CA ASN B 331 9.90 -23.83 16.61
C ASN B 331 11.09 -23.03 17.15
N ASN B 332 10.89 -21.78 17.61
CA ASN B 332 11.96 -20.89 18.11
C ASN B 332 13.14 -20.83 17.15
N ARG B 333 12.83 -20.46 15.90
CA ARG B 333 13.81 -20.33 14.83
C ARG B 333 13.46 -19.16 13.92
N ILE B 334 14.43 -18.75 13.08
CA ILE B 334 14.30 -17.68 12.11
C ILE B 334 14.66 -18.25 10.74
N GLY B 335 13.82 -17.99 9.75
CA GLY B 335 14.06 -18.41 8.40
C GLY B 335 14.43 -17.26 7.49
N PHE B 336 15.35 -17.51 6.58
CA PHE B 336 15.76 -16.55 5.58
C PHE B 336 15.63 -17.13 4.16
N ALA B 337 15.16 -16.30 3.24
CA ALA B 337 15.02 -16.63 1.82
C ALA B 337 15.38 -15.35 1.08
N LEU B 338 15.89 -15.48 -0.14
CA LEU B 338 16.29 -14.33 -0.96
C LEU B 338 15.06 -13.50 -1.37
N ALA B 339 15.06 -12.20 -0.98
CA ALA B 339 13.98 -11.26 -1.25
C ALA B 339 13.85 -10.90 -2.72
N ARG B 340 12.61 -10.70 -3.21
CA ARG B 340 12.36 -10.29 -4.60
C ARG B 340 11.21 -9.27 -4.69
#